data_8VWS
#
_entry.id   8VWS
#
_cell.length_a   1.00
_cell.length_b   1.00
_cell.length_c   1.00
_cell.angle_alpha   90.00
_cell.angle_beta   90.00
_cell.angle_gamma   90.00
#
_symmetry.space_group_name_H-M   'P 1'
#
loop_
_entity.id
_entity.type
_entity.pdbx_description
1 polymer 'Histone H3.2'
2 polymer 'Histone H4'
3 polymer 'Histone H2A type 1'
4 polymer 'Histone H2B type 1-C/E/F/G/I'
5 polymer '601 I strand (non-damaged strand)'
6 polymer '601 J strand (damaged strand)'
#
loop_
_entity_poly.entity_id
_entity_poly.type
_entity_poly.pdbx_seq_one_letter_code
_entity_poly.pdbx_strand_id
1 'polypeptide(L)'
;ARTKQTARKSTGGKAPRKQLATKAARKSAPATGGVKKPHRYRPGTVALREIRRYQKSTELLIRKLPFQRLVREIAQDFKT
DLRFQSSAVMALQEASEAYLVGLFEDTNLAAIHAKRVTIMPKDIQLARRIRGERA
;
A,E
2 'polypeptide(L)'
;SGRGKGGKGLGKGGAKRHRKVLRDNIQGITKPAIRRLARRGGVKRISGLIYEETRGVLKVFLENVIRDAVTYTEHAKRKT
VTAMDVVYALKRQGRTLYGFGG
;
B,F
3 'polypeptide(L)'
;SGRGKQGGKARAKAKTRSSRAGLQFPVGRVHRLLRKGNYAERVGAGAPVYLAAVLEYLTAEILELAGNAARDNKKTRIIP
RHLQLAIRNDEELNKLLGKVTIAQGGVLPNIQAVLLPKKTESHHKAKGK
;
C,G
4 'polypeptide(L)'
;PEPAKSAPAPKKGSKKAVTKAQKKDGKKRKRSRKESYSVYVYKVLKQVHPDTGISSKAMGIMNSFVNDIFERIAGEASRL
AHYNKRSTITSREIQTAVRLLLPGELAKHAVSEGTKAVTKYTSSK
;
D,H
5 'polydeoxyribonucleotide'
;(DA)(DT)(DC)(DG)(DA)(DG)(DA)(DA)(DT)(DC)(DC)(DC)(DG)(DG)(DT)(DG)(DC)(DC)(DG)(DA)
(DG)(DG)(DC)(DC)(DG)(DC)(DT)(DC)(DA)(DA)(DT)(DT)(DG)(DG)(DT)(DC)(DG)(DT)(DA)(DG)
(DA)(DC)(DA)(DG)(DC)(DT)(DC)(DT)(DA)(DG)(DC)(DA)(DC)(DC)(DG)(DC)(DT)(DT)(DA)(DA)
(DA)(DC)(DG)(DC)(DA)(DC)(DG)(DT)(DA)(DC)(DG)(DC)(DG)(DC)(DT)(DG)(DT)(DC)(DC)(DC)
(DC)(DC)(DG)(DC)(DG)(DT)(DT)(DT)(DT)(DA)(DA)(DC)(DC)(DG)(DC)(DC)(DA)(DA)(DG)(DG)
(DG)(DG)(DA)(DT)(DT)(DA)(DC)(DT)(DC)(DC)(DC)(DT)(DA)(DG)(DT)(DC)(DT)(DC)(DC)(DA)
(DG)(DG)(DC)(DA)(DC)(DG)(DT)(DG)(DT)(DC)(DA)(DG)(DA)(DT)(DC)(DT)(DA)(DT)(DA)(DC)
(DA)(DT)(DC)(DC)(DG)(DA)(DT)
;
I
6 'polydeoxyribonucleotide'
;(DA)(DT)(DC)(DG)(DG)(DA)(DT)(DG)(DT)(DA)(DT)(DA)(8OG)(DA)(DT)(DC)(DT)(DG)(DA)
(DC)(DA)(DC)(DG)(DT)(DG)(DC)(DC)(DT)(DG)(DG)(DA)(DG)(DA)(DC)(DT)(DA)(DG)(DG)(DG)
(DA)(DG)(DT)(DA)(DA)(DT)(DC)(DC)(DC)(DC)(DT)(DT)(DG)(DG)(DC)(DG)(DG)(DT)(DT)(DA)
(DA)(DA)(DA)(DC)(DG)(DC)(DG)(DG)(DG)(DG)(DG)(DA)(DC)(DA)(DG)(DC)(DG)(DC)(DG)(DT)
(DA)(DC)(DG)(DT)(DG)(DC)(DG)(DT)(DT)(DT)(DA)(DA)(DG)(DC)(DG)(DG)(DT)(DG)(DC)(DT)
(DA)(DG)(DA)(DG)(DC)(DT)(DG)(DT)(DC)(DT)(DA)(DC)(DG)(DA)(DC)(DC)(DA)(DA)(DT)(DT)
(DG)(DA)(DG)(DC)(DG)(DG)(DC)(DC)(DT)(DC)(DG)(DG)(DC)(DA)(DC)(DC)(DG)(DG)(DG)(DA)
(DT)(DT)(DC)(DT)(DC)(DG)(DA)(DT)
;
J
#
# COMPACT_ATOMS: atom_id res chain seq x y z
N PRO A 38 -18.89 -34.53 -37.76
CA PRO A 38 -20.16 -33.91 -37.34
C PRO A 38 -20.24 -33.71 -35.83
N HIS A 39 -19.24 -34.22 -35.11
CA HIS A 39 -19.20 -34.08 -33.66
C HIS A 39 -18.91 -32.62 -33.30
N ARG A 40 -19.87 -31.96 -32.66
CA ARG A 40 -19.71 -30.59 -32.21
C ARG A 40 -20.07 -30.51 -30.73
N TYR A 41 -19.26 -29.79 -29.97
CA TYR A 41 -19.48 -29.64 -28.55
C TYR A 41 -20.49 -28.53 -28.30
N ARG A 42 -21.29 -28.70 -27.26
CA ARG A 42 -22.23 -27.65 -26.85
C ARG A 42 -21.44 -26.41 -26.46
N PRO A 43 -21.92 -25.22 -26.82
CA PRO A 43 -21.20 -23.99 -26.46
C PRO A 43 -21.03 -23.88 -24.95
N GLY A 44 -19.78 -23.66 -24.53
CA GLY A 44 -19.44 -23.60 -23.14
C GLY A 44 -18.65 -24.79 -22.64
N THR A 45 -18.78 -25.95 -23.27
CA THR A 45 -18.03 -27.13 -22.83
C THR A 45 -16.53 -26.94 -23.07
N VAL A 46 -16.15 -26.57 -24.29
CA VAL A 46 -14.75 -26.33 -24.59
C VAL A 46 -14.26 -25.06 -23.90
N ALA A 47 -15.17 -24.17 -23.52
CA ALA A 47 -14.81 -22.97 -22.78
C ALA A 47 -14.54 -23.26 -21.32
N LEU A 48 -15.27 -24.20 -20.72
CA LEU A 48 -14.93 -24.69 -19.39
C LEU A 48 -13.65 -25.52 -19.44
N ARG A 49 -13.47 -26.29 -20.49
CA ARG A 49 -12.13 -26.74 -20.81
C ARG A 49 -11.30 -25.52 -21.20
N GLU A 50 -9.98 -25.68 -21.15
CA GLU A 50 -8.97 -24.64 -21.32
C GLU A 50 -8.93 -23.73 -20.10
N ILE A 51 -10.02 -23.67 -19.33
CA ILE A 51 -9.94 -22.99 -18.05
C ILE A 51 -9.11 -23.83 -17.09
N ARG A 52 -9.44 -25.12 -16.99
CA ARG A 52 -8.65 -26.02 -16.17
C ARG A 52 -7.23 -26.16 -16.72
N ARG A 53 -7.09 -26.13 -18.04
CA ARG A 53 -5.77 -26.25 -18.65
C ARG A 53 -4.88 -25.07 -18.28
N TYR A 54 -5.40 -23.84 -18.30
CA TYR A 54 -4.56 -22.70 -17.99
C TYR A 54 -4.52 -22.36 -16.50
N GLN A 55 -5.44 -22.90 -15.69
CA GLN A 55 -5.20 -22.91 -14.25
C GLN A 55 -4.06 -23.85 -13.89
N LYS A 56 -4.02 -25.02 -14.52
CA LYS A 56 -2.98 -25.99 -14.21
C LYS A 56 -1.63 -25.60 -14.80
N SER A 57 -1.62 -25.14 -16.05
CA SER A 57 -0.35 -24.82 -16.70
C SER A 57 0.22 -23.52 -16.15
N THR A 58 1.51 -23.30 -16.43
CA THR A 58 2.22 -22.14 -15.90
C THR A 58 3.11 -21.56 -17.00
N GLU A 59 2.53 -21.32 -18.18
CA GLU A 59 3.25 -20.70 -19.27
C GLU A 59 2.92 -19.20 -19.35
N LEU A 60 3.41 -18.54 -20.39
CA LEU A 60 3.33 -17.08 -20.46
C LEU A 60 2.08 -16.55 -21.13
N LEU A 61 1.42 -17.36 -21.99
CA LEU A 61 0.13 -17.07 -22.60
C LEU A 61 0.16 -15.95 -23.64
N ILE A 62 1.28 -15.25 -23.75
CA ILE A 62 1.45 -14.18 -24.73
C ILE A 62 2.77 -14.37 -25.44
N ARG A 63 2.77 -14.20 -26.77
CA ARG A 63 3.99 -14.36 -27.54
C ARG A 63 5.03 -13.35 -27.10
N LYS A 64 6.29 -13.79 -27.06
CA LYS A 64 7.34 -12.98 -26.45
C LYS A 64 7.72 -11.78 -27.34
N LEU A 65 7.88 -12.01 -28.64
CA LEU A 65 8.30 -10.93 -29.54
C LEU A 65 7.29 -9.77 -29.62
N PRO A 66 5.98 -9.99 -29.78
CA PRO A 66 5.07 -8.83 -29.75
C PRO A 66 5.12 -8.05 -28.46
N PHE A 67 5.22 -8.74 -27.32
CA PHE A 67 5.31 -8.05 -26.04
C PHE A 67 6.60 -7.25 -25.94
N GLN A 68 7.71 -7.82 -26.42
CA GLN A 68 8.99 -7.10 -26.39
C GLN A 68 8.94 -5.85 -27.26
N ARG A 69 8.33 -5.96 -28.45
CA ARG A 69 8.20 -4.80 -29.32
C ARG A 69 7.31 -3.74 -28.68
N LEU A 70 6.23 -4.17 -28.02
CA LEU A 70 5.35 -3.22 -27.34
C LEU A 70 6.08 -2.52 -26.20
N VAL A 71 6.89 -3.27 -25.44
CA VAL A 71 7.67 -2.69 -24.36
C VAL A 71 8.64 -1.65 -24.90
N ARG A 72 9.33 -1.98 -25.99
CA ARG A 72 10.28 -1.03 -26.57
C ARG A 72 9.58 0.21 -27.10
N GLU A 73 8.42 0.04 -27.75
CA GLU A 73 7.67 1.18 -28.25
C GLU A 73 7.19 2.08 -27.12
N ILE A 74 6.74 1.48 -26.01
CA ILE A 74 6.32 2.28 -24.87
C ILE A 74 7.52 3.02 -24.27
N ALA A 75 8.66 2.33 -24.15
CA ALA A 75 9.82 2.91 -23.48
C ALA A 75 10.47 4.02 -24.32
N GLN A 76 10.33 3.96 -25.64
CA GLN A 76 10.97 4.99 -26.47
C GLN A 76 10.36 6.37 -26.27
N ASP A 77 9.18 6.45 -25.65
CA ASP A 77 8.61 7.75 -25.32
C ASP A 77 9.32 8.40 -24.14
N PHE A 78 9.98 7.60 -23.30
CA PHE A 78 10.67 8.13 -22.13
C PHE A 78 12.14 8.41 -22.40
N LYS A 79 12.83 7.50 -23.10
CA LYS A 79 14.24 7.70 -23.41
C LYS A 79 14.56 6.93 -24.69
N THR A 80 15.04 7.64 -25.70
CA THR A 80 15.38 7.01 -26.96
C THR A 80 16.71 6.27 -26.84
N ASP A 81 16.91 5.34 -27.78
CA ASP A 81 18.13 4.50 -27.84
C ASP A 81 18.35 3.77 -26.53
N LEU A 82 17.28 3.19 -26.00
CA LEU A 82 17.30 2.53 -24.70
C LEU A 82 17.34 1.02 -24.91
N ARG A 83 18.23 0.36 -24.17
CA ARG A 83 18.39 -1.09 -24.25
C ARG A 83 17.65 -1.75 -23.10
N PHE A 84 17.32 -3.03 -23.30
CA PHE A 84 16.64 -3.83 -22.30
C PHE A 84 17.37 -5.15 -22.12
N GLN A 85 17.55 -5.56 -20.87
CA GLN A 85 17.99 -6.92 -20.61
C GLN A 85 16.84 -7.89 -20.89
N SER A 86 17.20 -9.09 -21.30
CA SER A 86 16.18 -10.12 -21.56
C SER A 86 15.40 -10.43 -20.30
N SER A 87 16.10 -10.53 -19.16
CA SER A 87 15.44 -10.76 -17.88
C SER A 87 14.51 -9.62 -17.50
N ALA A 88 14.85 -8.38 -17.88
CA ALA A 88 13.98 -7.25 -17.58
C ALA A 88 12.65 -7.36 -18.34
N VAL A 89 12.73 -7.70 -19.63
CA VAL A 89 11.51 -7.87 -20.41
C VAL A 89 10.71 -9.06 -19.89
N MET A 90 11.42 -10.12 -19.46
CA MET A 90 10.72 -11.27 -18.89
C MET A 90 9.99 -10.91 -17.60
N ALA A 91 10.62 -10.10 -16.75
CA ALA A 91 9.97 -9.67 -15.52
C ALA A 91 8.76 -8.79 -15.82
N LEU A 92 8.89 -7.89 -16.80
CA LEU A 92 7.76 -7.08 -17.23
C LEU A 92 6.61 -7.95 -17.70
N GLN A 93 6.93 -8.99 -18.46
CA GLN A 93 5.89 -9.89 -18.96
C GLN A 93 5.21 -10.63 -17.82
N GLU A 94 5.99 -11.14 -16.86
CA GLU A 94 5.40 -11.86 -15.73
C GLU A 94 4.44 -10.94 -14.97
N ALA A 95 4.88 -9.72 -14.68
CA ALA A 95 4.03 -8.77 -13.98
C ALA A 95 2.77 -8.46 -14.76
N SER A 96 2.90 -8.28 -16.08
CA SER A 96 1.75 -7.95 -16.90
C SER A 96 0.72 -9.07 -16.91
N GLU A 97 1.17 -10.32 -17.09
CA GLU A 97 0.23 -11.43 -17.09
C GLU A 97 -0.43 -11.59 -15.72
N ALA A 98 0.34 -11.47 -14.64
CA ALA A 98 -0.24 -11.62 -13.31
C ALA A 98 -1.30 -10.55 -13.05
N TYR A 99 -0.99 -9.30 -13.40
CA TYR A 99 -1.93 -8.21 -13.20
C TYR A 99 -3.19 -8.41 -14.03
N LEU A 100 -3.03 -8.80 -15.30
CA LEU A 100 -4.19 -9.02 -16.17
C LEU A 100 -5.04 -10.18 -15.69
N VAL A 101 -4.41 -11.25 -15.20
CA VAL A 101 -5.18 -12.39 -14.70
C VAL A 101 -5.98 -12.00 -13.46
N GLY A 102 -5.35 -11.29 -12.51
CA GLY A 102 -6.10 -10.82 -11.35
C GLY A 102 -7.24 -9.88 -11.72
N LEU A 103 -6.98 -8.99 -12.69
CA LEU A 103 -8.02 -8.09 -13.17
C LEU A 103 -9.17 -8.87 -13.78
N PHE A 104 -8.88 -9.95 -14.50
CA PHE A 104 -9.93 -10.75 -15.11
C PHE A 104 -10.72 -11.52 -14.07
N GLU A 105 -10.07 -11.97 -12.98
CA GLU A 105 -10.83 -12.59 -11.88
C GLU A 105 -11.79 -11.59 -11.25
N ASP A 106 -11.32 -10.36 -11.00
CA ASP A 106 -12.22 -9.34 -10.44
C ASP A 106 -13.34 -8.99 -11.42
N THR A 107 -13.02 -8.94 -12.72
CA THR A 107 -14.02 -8.69 -13.75
C THR A 107 -15.08 -9.78 -13.76
N ASN A 108 -14.65 -11.05 -13.64
CA ASN A 108 -15.60 -12.15 -13.58
C ASN A 108 -16.48 -12.03 -12.34
N LEU A 109 -15.89 -11.67 -11.20
CA LEU A 109 -16.69 -11.50 -9.98
C LEU A 109 -17.76 -10.43 -10.19
N ALA A 110 -17.39 -9.30 -10.81
CA ALA A 110 -18.38 -8.26 -11.09
C ALA A 110 -19.41 -8.72 -12.11
N ALA A 111 -19.02 -9.60 -13.04
CA ALA A 111 -19.96 -10.09 -14.04
C ALA A 111 -21.04 -10.98 -13.42
N ILE A 112 -20.62 -11.98 -12.63
CA ILE A 112 -21.60 -12.79 -11.91
C ILE A 112 -22.40 -11.95 -10.92
N HIS A 113 -21.80 -10.89 -10.37
CA HIS A 113 -22.55 -10.03 -9.45
C HIS A 113 -23.79 -9.43 -10.12
N ALA A 114 -23.68 -9.10 -11.41
CA ALA A 114 -24.79 -8.53 -12.15
C ALA A 114 -25.68 -9.59 -12.80
N LYS A 115 -25.65 -10.82 -12.28
CA LYS A 115 -26.45 -11.94 -12.79
C LYS A 115 -26.14 -12.19 -14.27
N ARG A 116 -24.86 -12.43 -14.55
CA ARG A 116 -24.39 -12.60 -15.92
C ARG A 116 -23.23 -13.59 -15.94
N VAL A 117 -22.95 -14.08 -17.14
CA VAL A 117 -21.79 -14.93 -17.38
C VAL A 117 -20.78 -14.24 -18.30
N THR A 118 -21.27 -13.57 -19.35
CA THR A 118 -20.39 -12.86 -20.26
C THR A 118 -19.87 -11.60 -19.58
N ILE A 119 -18.56 -11.37 -19.70
CA ILE A 119 -17.94 -10.17 -19.13
C ILE A 119 -17.97 -9.06 -20.17
N MET A 120 -18.47 -7.90 -19.76
CA MET A 120 -18.46 -6.70 -20.57
C MET A 120 -17.45 -5.69 -20.04
N PRO A 121 -17.02 -4.72 -20.84
CA PRO A 121 -16.06 -3.73 -20.35
C PRO A 121 -16.55 -2.92 -19.16
N LYS A 122 -17.86 -2.84 -18.93
CA LYS A 122 -18.34 -2.19 -17.72
C LYS A 122 -17.89 -2.93 -16.47
N ASP A 123 -17.79 -4.26 -16.54
CA ASP A 123 -17.26 -5.03 -15.42
C ASP A 123 -15.80 -4.69 -15.17
N ILE A 124 -15.01 -4.55 -16.24
CA ILE A 124 -13.61 -4.16 -16.10
C ILE A 124 -13.50 -2.78 -15.47
N GLN A 125 -14.34 -1.85 -15.93
CA GLN A 125 -14.32 -0.50 -15.38
C GLN A 125 -14.70 -0.49 -13.90
N LEU A 126 -15.71 -1.27 -13.51
CA LEU A 126 -16.11 -1.33 -12.12
C LEU A 126 -15.01 -1.94 -11.26
N ALA A 127 -14.37 -3.01 -11.74
CA ALA A 127 -13.30 -3.63 -10.99
C ALA A 127 -12.13 -2.67 -10.81
N ARG A 128 -11.77 -1.95 -11.87
CA ARG A 128 -10.68 -0.99 -11.77
C ARG A 128 -11.02 0.19 -10.87
N ARG A 129 -12.28 0.61 -10.87
CA ARG A 129 -12.69 1.73 -10.01
C ARG A 129 -12.69 1.32 -8.54
N ILE A 130 -13.20 0.12 -8.24
CA ILE A 130 -13.23 -0.34 -6.85
C ILE A 130 -11.81 -0.63 -6.37
N ARG A 131 -10.96 -1.16 -7.24
CA ARG A 131 -9.56 -1.40 -6.89
C ARG A 131 -8.78 -0.13 -6.63
N GLY A 132 -9.31 1.03 -7.03
CA GLY A 132 -8.61 2.28 -6.87
C GLY A 132 -7.76 2.71 -8.04
N GLU A 133 -7.77 1.94 -9.13
CA GLU A 133 -6.97 2.27 -10.30
C GLU A 133 -7.66 3.31 -11.17
N ASP B 24 2.82 0.81 -33.19
CA ASP B 24 1.56 0.12 -33.47
C ASP B 24 1.64 -1.36 -33.08
N ASN B 25 2.43 -1.65 -32.06
CA ASN B 25 2.64 -3.02 -31.61
C ASN B 25 1.63 -3.43 -30.54
N ILE B 26 0.71 -2.55 -30.16
CA ILE B 26 -0.31 -2.93 -29.18
C ILE B 26 -1.25 -3.97 -29.77
N GLN B 27 -1.37 -4.03 -31.10
CA GLN B 27 -2.13 -5.08 -31.75
C GLN B 27 -1.43 -6.44 -31.64
N GLY B 28 -0.17 -6.47 -31.22
CA GLY B 28 0.51 -7.73 -30.99
C GLY B 28 -0.07 -8.53 -29.84
N ILE B 29 -0.81 -7.88 -28.94
CA ILE B 29 -1.55 -8.59 -27.91
C ILE B 29 -2.85 -9.06 -28.55
N THR B 30 -2.82 -10.25 -29.13
CA THR B 30 -3.89 -10.71 -29.99
C THR B 30 -5.13 -11.09 -29.18
N LYS B 31 -6.23 -11.31 -29.90
CA LYS B 31 -7.46 -11.78 -29.28
C LYS B 31 -7.30 -13.14 -28.59
N PRO B 32 -6.67 -14.17 -29.21
CA PRO B 32 -6.49 -15.43 -28.47
C PRO B 32 -5.64 -15.28 -27.21
N ALA B 33 -4.66 -14.38 -27.20
CA ALA B 33 -3.87 -14.19 -25.99
C ALA B 33 -4.72 -13.65 -24.84
N ILE B 34 -5.58 -12.68 -25.14
CA ILE B 34 -6.48 -12.13 -24.12
C ILE B 34 -7.48 -13.19 -23.69
N ARG B 35 -7.94 -14.03 -24.62
CA ARG B 35 -8.83 -15.12 -24.27
C ARG B 35 -8.13 -16.11 -23.33
N ARG B 36 -6.86 -16.41 -23.59
CA ARG B 36 -6.11 -17.31 -22.72
C ARG B 36 -5.93 -16.71 -21.34
N LEU B 37 -5.66 -15.40 -21.26
CA LEU B 37 -5.57 -14.73 -19.98
C LEU B 37 -6.88 -14.79 -19.21
N ALA B 38 -8.00 -14.58 -19.91
CA ALA B 38 -9.30 -14.69 -19.27
C ALA B 38 -9.59 -16.11 -18.82
N ARG B 39 -9.18 -17.10 -19.62
CA ARG B 39 -9.35 -18.50 -19.23
C ARG B 39 -8.59 -18.81 -17.95
N ARG B 40 -7.34 -18.34 -17.85
CA ARG B 40 -6.60 -18.50 -16.61
C ARG B 40 -7.24 -17.71 -15.47
N GLY B 41 -7.94 -16.63 -15.80
CA GLY B 41 -8.71 -15.90 -14.82
C GLY B 41 -10.06 -16.50 -14.48
N GLY B 42 -10.42 -17.61 -15.11
CA GLY B 42 -11.69 -18.26 -14.82
C GLY B 42 -12.88 -17.66 -15.54
N VAL B 43 -12.66 -17.01 -16.67
CA VAL B 43 -13.73 -16.37 -17.42
C VAL B 43 -14.25 -17.34 -18.47
N LYS B 44 -15.56 -17.55 -18.50
CA LYS B 44 -16.19 -18.49 -19.42
C LYS B 44 -16.57 -17.85 -20.75
N ARG B 45 -17.13 -16.65 -20.73
CA ARG B 45 -17.55 -15.96 -21.94
C ARG B 45 -16.98 -14.56 -21.94
N ILE B 46 -16.61 -14.08 -23.13
CA ILE B 46 -15.95 -12.79 -23.31
C ILE B 46 -16.70 -12.01 -24.37
N SER B 47 -17.04 -10.76 -24.06
CA SER B 47 -17.68 -9.90 -25.05
C SER B 47 -16.65 -9.38 -26.05
N GLY B 48 -17.14 -8.86 -27.17
CA GLY B 48 -16.25 -8.43 -28.23
C GLY B 48 -15.45 -7.19 -27.90
N LEU B 49 -15.95 -6.36 -26.99
CA LEU B 49 -15.28 -5.12 -26.63
C LEU B 49 -14.25 -5.29 -25.52
N ILE B 50 -14.12 -6.50 -24.96
CA ILE B 50 -13.14 -6.74 -23.91
C ILE B 50 -11.72 -6.60 -24.45
N TYR B 51 -11.51 -6.99 -25.71
CA TYR B 51 -10.17 -7.05 -26.26
C TYR B 51 -9.53 -5.69 -26.45
N GLU B 52 -10.32 -4.64 -26.60
CA GLU B 52 -9.77 -3.29 -26.67
C GLU B 52 -9.51 -2.70 -25.29
N GLU B 53 -10.45 -2.92 -24.36
CA GLU B 53 -10.26 -2.44 -22.99
C GLU B 53 -9.05 -3.09 -22.34
N THR B 54 -8.85 -4.38 -22.60
CA THR B 54 -7.70 -5.08 -22.04
C THR B 54 -6.39 -4.50 -22.59
N ARG B 55 -6.34 -4.20 -23.88
CA ARG B 55 -5.14 -3.57 -24.45
C ARG B 55 -4.91 -2.20 -23.85
N GLY B 56 -5.97 -1.42 -23.66
CA GLY B 56 -5.80 -0.11 -23.02
C GLY B 56 -5.29 -0.22 -21.60
N VAL B 57 -5.85 -1.14 -20.83
CA VAL B 57 -5.42 -1.33 -19.44
C VAL B 57 -3.97 -1.81 -19.38
N LEU B 58 -3.61 -2.74 -20.26
CA LEU B 58 -2.23 -3.23 -20.31
C LEU B 58 -1.28 -2.12 -20.71
N LYS B 59 -1.68 -1.26 -21.65
CA LYS B 59 -0.85 -0.13 -22.03
C LYS B 59 -0.64 0.82 -20.87
N VAL B 60 -1.69 1.11 -20.10
CA VAL B 60 -1.55 2.00 -18.95
C VAL B 60 -0.63 1.40 -17.91
N PHE B 61 -0.81 0.10 -17.61
CA PHE B 61 0.02 -0.57 -16.63
C PHE B 61 1.49 -0.58 -17.06
N LEU B 62 1.74 -0.90 -18.33
CA LEU B 62 3.11 -0.94 -18.83
C LEU B 62 3.73 0.45 -18.83
N GLU B 63 2.97 1.48 -19.18
CA GLU B 63 3.49 2.84 -19.12
C GLU B 63 3.88 3.21 -17.70
N ASN B 64 3.03 2.89 -16.73
CA ASN B 64 3.32 3.23 -15.35
C ASN B 64 4.56 2.51 -14.83
N VAL B 65 4.71 1.22 -15.18
CA VAL B 65 5.88 0.49 -14.71
C VAL B 65 7.15 0.95 -15.42
N ILE B 66 7.08 1.12 -16.73
CA ILE B 66 8.26 1.46 -17.51
C ILE B 66 8.73 2.88 -17.21
N ARG B 67 7.83 3.79 -16.86
CA ARG B 67 8.25 5.13 -16.46
C ARG B 67 9.20 5.08 -15.27
N ASP B 68 8.82 4.32 -14.24
CA ASP B 68 9.67 4.18 -13.06
C ASP B 68 10.94 3.41 -13.38
N ALA B 69 10.84 2.37 -14.22
CA ALA B 69 12.02 1.61 -14.58
C ALA B 69 13.05 2.48 -15.29
N VAL B 70 12.59 3.30 -16.24
CA VAL B 70 13.48 4.22 -16.95
C VAL B 70 14.03 5.28 -16.00
N THR B 71 13.22 5.73 -15.04
CA THR B 71 13.70 6.68 -14.05
C THR B 71 14.86 6.10 -13.25
N TYR B 72 14.71 4.86 -12.79
CA TYR B 72 15.78 4.19 -12.07
C TYR B 72 17.02 3.99 -12.95
N THR B 73 16.81 3.63 -14.21
CA THR B 73 17.94 3.45 -15.13
C THR B 73 18.68 4.76 -15.35
N GLU B 74 17.96 5.85 -15.57
CA GLU B 74 18.58 7.15 -15.77
C GLU B 74 19.34 7.60 -14.53
N HIS B 75 18.78 7.38 -13.35
CA HIS B 75 19.47 7.78 -12.13
C HIS B 75 20.79 7.05 -11.96
N ALA B 76 20.87 5.80 -12.40
CA ALA B 76 22.08 5.00 -12.30
C ALA B 76 23.09 5.31 -13.39
N LYS B 77 22.81 6.32 -14.24
CA LYS B 77 23.70 6.70 -15.34
C LYS B 77 23.93 5.54 -16.31
N ARG B 78 22.87 4.79 -16.59
CA ARG B 78 22.95 3.61 -17.44
C ARG B 78 22.09 3.81 -18.68
N LYS B 79 22.41 3.03 -19.72
CA LYS B 79 21.66 3.06 -20.97
C LYS B 79 20.89 1.78 -21.24
N THR B 80 20.89 0.82 -20.30
CA THR B 80 20.08 -0.38 -20.43
C THR B 80 19.20 -0.54 -19.20
N VAL B 81 17.99 -1.06 -19.41
CA VAL B 81 17.05 -1.29 -18.32
C VAL B 81 17.33 -2.70 -17.80
N THR B 82 17.95 -2.78 -16.63
CA THR B 82 18.23 -4.07 -16.02
C THR B 82 16.96 -4.62 -15.35
N ALA B 83 16.99 -5.92 -15.05
CA ALA B 83 15.84 -6.54 -14.41
C ALA B 83 15.59 -6.00 -13.02
N MET B 84 16.66 -5.58 -12.33
CA MET B 84 16.48 -5.03 -11.00
C MET B 84 15.74 -3.70 -11.04
N ASP B 85 15.89 -2.92 -12.12
CA ASP B 85 15.11 -1.70 -12.28
C ASP B 85 13.62 -2.01 -12.33
N VAL B 86 13.24 -3.03 -13.09
CA VAL B 86 11.85 -3.43 -13.18
C VAL B 86 11.37 -3.97 -11.84
N VAL B 87 12.23 -4.70 -11.13
CA VAL B 87 11.86 -5.24 -9.82
C VAL B 87 11.59 -4.10 -8.84
N TYR B 88 12.47 -3.11 -8.81
CA TYR B 88 12.27 -1.96 -7.92
C TYR B 88 11.02 -1.18 -8.30
N ALA B 89 10.79 -0.98 -9.59
CA ALA B 89 9.61 -0.26 -10.04
C ALA B 89 8.33 -0.99 -9.65
N LEU B 90 8.32 -2.32 -9.81
CA LEU B 90 7.15 -3.09 -9.42
C LEU B 90 6.94 -3.09 -7.92
N LYS B 91 8.02 -3.21 -7.14
CA LYS B 91 7.90 -3.12 -5.68
C LYS B 91 7.40 -1.75 -5.26
N ARG B 92 7.72 -0.72 -6.03
CA ARG B 92 7.23 0.62 -5.73
C ARG B 92 5.71 0.70 -5.81
N GLN B 93 5.11 0.12 -6.84
CA GLN B 93 3.67 0.20 -7.03
C GLN B 93 2.90 -0.78 -6.16
N GLY B 94 3.57 -1.47 -5.24
CA GLY B 94 2.93 -2.47 -4.42
C GLY B 94 2.83 -3.83 -5.06
N ARG B 95 3.34 -4.00 -6.28
CA ARG B 95 3.28 -5.28 -6.99
C ARG B 95 4.64 -5.96 -6.88
N THR B 96 4.94 -6.44 -5.68
CA THR B 96 6.21 -7.12 -5.43
C THR B 96 6.30 -8.41 -6.25
N LEU B 97 7.44 -8.62 -6.87
CA LEU B 97 7.65 -9.75 -7.78
C LEU B 97 8.86 -10.55 -7.34
N TYR B 98 8.68 -11.86 -7.20
CA TYR B 98 9.75 -12.76 -6.78
C TYR B 98 10.26 -13.52 -7.99
N GLY B 99 11.59 -13.70 -8.06
CA GLY B 99 12.15 -14.54 -9.08
C GLY B 99 13.23 -13.92 -9.94
N PHE B 100 13.46 -12.61 -9.78
CA PHE B 100 14.45 -11.92 -10.59
C PHE B 100 15.49 -11.16 -9.79
N GLY B 101 15.42 -11.18 -8.47
CA GLY B 101 16.39 -10.48 -7.64
C GLY B 101 15.76 -9.54 -6.63
N ALA C 12 31.47 38.56 10.55
CA ALA C 12 30.66 38.02 9.46
C ALA C 12 29.22 37.83 9.90
N LYS C 13 28.30 38.57 9.28
CA LYS C 13 26.90 38.44 9.61
C LYS C 13 26.36 37.09 9.17
N ALA C 14 25.57 36.47 10.05
CA ALA C 14 25.01 35.16 9.75
C ALA C 14 23.87 35.30 8.74
N LYS C 15 23.98 34.54 7.64
CA LYS C 15 22.99 34.56 6.57
C LYS C 15 22.41 33.16 6.47
N THR C 16 21.13 33.01 6.79
CA THR C 16 20.50 31.70 6.81
C THR C 16 20.49 31.08 5.42
N ARG C 17 20.61 29.76 5.38
CA ARG C 17 20.67 29.04 4.11
C ARG C 17 19.37 29.19 3.33
N SER C 18 18.25 29.33 4.02
CA SER C 18 16.98 29.56 3.34
C SER C 18 17.00 30.88 2.58
N SER C 19 17.56 31.92 3.18
CA SER C 19 17.66 33.21 2.49
C SER C 19 18.65 33.14 1.34
N ARG C 20 19.75 32.39 1.50
CA ARG C 20 20.68 32.20 0.41
C ARG C 20 20.08 31.40 -0.74
N ALA C 21 19.07 30.57 -0.45
CA ALA C 21 18.39 29.81 -1.49
C ALA C 21 17.08 30.44 -1.93
N GLY C 22 16.67 31.54 -1.29
CA GLY C 22 15.42 32.18 -1.64
C GLY C 22 14.17 31.48 -1.14
N LEU C 23 14.30 30.55 -0.22
CA LEU C 23 13.17 29.77 0.28
C LEU C 23 12.64 30.33 1.58
N GLN C 24 11.44 29.88 1.94
CA GLN C 24 10.85 30.18 3.24
C GLN C 24 10.94 29.02 4.22
N PHE C 25 10.92 27.78 3.73
CA PHE C 25 11.14 26.65 4.60
C PHE C 25 12.59 26.61 5.07
N PRO C 26 12.84 26.08 6.27
CA PRO C 26 14.21 26.04 6.78
C PRO C 26 15.06 25.04 6.03
N VAL C 27 16.30 25.41 5.76
CA VAL C 27 17.25 24.49 5.15
C VAL C 27 18.09 23.80 6.22
N GLY C 28 18.42 24.52 7.28
CA GLY C 28 19.15 23.91 8.38
C GLY C 28 18.34 22.83 9.09
N ARG C 29 17.04 23.09 9.30
CA ARG C 29 16.20 22.10 9.95
C ARG C 29 16.04 20.84 9.10
N VAL C 30 15.85 21.02 7.79
CA VAL C 30 15.73 19.87 6.90
C VAL C 30 17.04 19.10 6.85
N HIS C 31 18.17 19.81 6.83
CA HIS C 31 19.47 19.17 6.89
C HIS C 31 19.63 18.36 8.17
N ARG C 32 19.21 18.93 9.30
CA ARG C 32 19.31 18.23 10.58
C ARG C 32 18.43 16.99 10.60
N LEU C 33 17.21 17.10 10.08
CA LEU C 33 16.31 15.95 10.04
C LEU C 33 16.84 14.86 9.13
N LEU C 34 17.46 15.24 8.01
CA LEU C 34 18.08 14.26 7.13
C LEU C 34 19.25 13.57 7.81
N ARG C 35 20.08 14.33 8.53
CA ARG C 35 21.23 13.73 9.21
C ARG C 35 20.80 12.80 10.33
N LYS C 36 19.79 13.18 11.12
CA LYS C 36 19.34 12.35 12.22
C LYS C 36 18.05 11.60 11.91
N GLY C 37 17.89 11.17 10.66
CA GLY C 37 16.74 10.37 10.29
C GLY C 37 17.12 8.96 9.90
N ASN C 38 18.42 8.66 9.95
CA ASN C 38 18.97 7.37 9.55
C ASN C 38 18.61 7.03 8.10
N TYR C 39 18.96 7.94 7.20
CA TYR C 39 18.74 7.74 5.78
C TYR C 39 20.01 7.37 5.03
N ALA C 40 21.14 7.97 5.39
CA ALA C 40 22.41 7.65 4.77
C ALA C 40 23.53 8.07 5.71
N GLU C 41 24.73 7.56 5.43
CA GLU C 41 25.88 7.92 6.26
C GLU C 41 26.31 9.36 6.02
N ARG C 42 26.03 9.90 4.84
CA ARG C 42 26.43 11.24 4.48
C ARG C 42 25.25 11.95 3.81
N VAL C 43 25.21 13.28 3.96
CA VAL C 43 24.16 14.10 3.36
C VAL C 43 24.82 15.26 2.63
N GLY C 44 24.50 15.42 1.36
CA GLY C 44 25.10 16.47 0.56
C GLY C 44 24.60 17.85 0.94
N ALA C 45 25.27 18.86 0.38
CA ALA C 45 24.93 20.24 0.71
C ALA C 45 23.63 20.68 0.04
N GLY C 46 23.43 20.29 -1.21
CA GLY C 46 22.25 20.73 -1.95
C GLY C 46 20.99 19.93 -1.72
N ALA C 47 21.10 18.78 -1.06
CA ALA C 47 19.91 17.98 -0.77
C ALA C 47 18.91 18.70 0.13
N PRO C 48 19.30 19.31 1.27
CA PRO C 48 18.29 20.06 2.05
C PRO C 48 17.69 21.22 1.28
N VAL C 49 18.47 21.89 0.44
CA VAL C 49 17.94 23.00 -0.35
C VAL C 49 16.88 22.51 -1.33
N TYR C 50 17.19 21.42 -2.03
CA TYR C 50 16.25 20.84 -2.98
C TYR C 50 14.98 20.38 -2.30
N LEU C 51 15.13 19.68 -1.16
CA LEU C 51 13.96 19.15 -0.47
C LEU C 51 13.10 20.27 0.12
N ALA C 52 13.73 21.31 0.67
CA ALA C 52 12.98 22.44 1.20
C ALA C 52 12.24 23.16 0.08
N ALA C 53 12.88 23.30 -1.09
CA ALA C 53 12.20 23.92 -2.22
C ALA C 53 10.99 23.11 -2.66
N VAL C 54 11.13 21.78 -2.71
CA VAL C 54 10.02 20.92 -3.13
C VAL C 54 8.88 21.01 -2.13
N LEU C 55 9.20 20.96 -0.82
CA LEU C 55 8.16 21.04 0.20
C LEU C 55 7.46 22.39 0.19
N GLU C 56 8.22 23.47 -0.01
CA GLU C 56 7.63 24.79 -0.13
C GLU C 56 6.71 24.88 -1.33
N TYR C 57 7.12 24.31 -2.46
CA TYR C 57 6.28 24.33 -3.65
C TYR C 57 4.97 23.59 -3.40
N LEU C 58 5.04 22.40 -2.80
CA LEU C 58 3.82 21.63 -2.56
C LEU C 58 2.90 22.35 -1.57
N THR C 59 3.48 22.94 -0.51
CA THR C 59 2.70 23.68 0.46
C THR C 59 1.99 24.86 -0.19
N ALA C 60 2.70 25.62 -1.03
CA ALA C 60 2.09 26.74 -1.72
C ALA C 60 0.99 26.27 -2.67
N GLU C 61 1.24 25.15 -3.35
CA GLU C 61 0.25 24.63 -4.30
C GLU C 61 -1.05 24.27 -3.60
N ILE C 62 -0.97 23.62 -2.43
CA ILE C 62 -2.19 23.28 -1.72
C ILE C 62 -2.84 24.53 -1.13
N LEU C 63 -2.03 25.45 -0.59
CA LEU C 63 -2.60 26.64 0.04
C LEU C 63 -3.32 27.53 -0.96
N GLU C 64 -2.84 27.57 -2.21
CA GLU C 64 -3.54 28.33 -3.25
C GLU C 64 -4.97 27.84 -3.43
N LEU C 65 -5.13 26.54 -3.66
CA LEU C 65 -6.47 25.99 -3.88
C LEU C 65 -7.31 26.02 -2.60
N ALA C 66 -6.68 25.84 -1.44
CA ALA C 66 -7.41 25.93 -0.19
C ALA C 66 -7.95 27.33 0.06
N GLY C 67 -7.14 28.35 -0.23
CA GLY C 67 -7.62 29.72 -0.11
C GLY C 67 -8.72 30.04 -1.12
N ASN C 68 -8.60 29.51 -2.33
CA ASN C 68 -9.66 29.70 -3.32
C ASN C 68 -10.96 29.05 -2.85
N ALA C 69 -10.88 27.85 -2.29
CA ALA C 69 -12.07 27.18 -1.77
C ALA C 69 -12.66 27.94 -0.59
N ALA C 70 -11.82 28.46 0.29
CA ALA C 70 -12.30 29.26 1.41
C ALA C 70 -12.99 30.53 0.93
N ARG C 71 -12.45 31.17 -0.11
CA ARG C 71 -13.09 32.34 -0.68
C ARG C 71 -14.40 32.00 -1.35
N ASP C 72 -14.50 30.81 -1.95
CA ASP C 72 -15.76 30.39 -2.57
C ASP C 72 -16.87 30.20 -1.55
N ASN C 73 -16.53 29.99 -0.27
CA ASN C 73 -17.50 29.84 0.80
C ASN C 73 -17.68 31.09 1.62
N LYS C 74 -17.18 32.23 1.12
CA LYS C 74 -17.26 33.52 1.81
C LYS C 74 -16.61 33.46 3.19
N LYS C 75 -15.53 32.69 3.28
CA LYS C 75 -14.76 32.53 4.51
C LYS C 75 -13.37 33.09 4.30
N THR C 76 -12.85 33.78 5.31
CA THR C 76 -11.50 34.31 5.25
C THR C 76 -10.47 33.41 5.92
N ARG C 77 -10.90 32.38 6.63
CA ARG C 77 -10.00 31.42 7.25
C ARG C 77 -10.12 30.08 6.55
N ILE C 78 -9.05 29.30 6.62
CA ILE C 78 -8.99 27.97 6.02
C ILE C 78 -9.30 26.95 7.10
N ILE C 79 -10.25 26.06 6.81
CA ILE C 79 -10.63 24.99 7.72
C ILE C 79 -10.29 23.67 7.03
N PRO C 80 -10.30 22.53 7.73
CA PRO C 80 -10.00 21.26 7.04
C PRO C 80 -10.91 20.95 5.87
N ARG C 81 -12.15 21.45 5.87
CA ARG C 81 -13.03 21.23 4.74
C ARG C 81 -12.47 21.85 3.48
N HIS C 82 -11.90 23.05 3.58
CA HIS C 82 -11.32 23.71 2.42
C HIS C 82 -10.12 22.95 1.89
N LEU C 83 -9.27 22.44 2.79
CA LEU C 83 -8.13 21.63 2.36
C LEU C 83 -8.60 20.36 1.66
N GLN C 84 -9.61 19.69 2.22
CA GLN C 84 -10.13 18.47 1.60
C GLN C 84 -10.72 18.76 0.23
N LEU C 85 -11.49 19.84 0.11
CA LEU C 85 -12.06 20.23 -1.18
C LEU C 85 -10.97 20.51 -2.19
N ALA C 86 -9.93 21.24 -1.78
CA ALA C 86 -8.83 21.58 -2.66
C ALA C 86 -8.10 20.33 -3.14
N ILE C 87 -7.84 19.39 -2.23
CA ILE C 87 -7.08 18.20 -2.61
C ILE C 87 -7.92 17.28 -3.49
N ARG C 88 -9.19 17.07 -3.15
CA ARG C 88 -10.01 16.15 -3.92
C ARG C 88 -10.50 16.74 -5.24
N ASN C 89 -10.49 18.07 -5.38
CA ASN C 89 -10.89 18.67 -6.65
C ASN C 89 -9.76 18.65 -7.67
N ASP C 90 -8.51 18.77 -7.23
CA ASP C 90 -7.37 18.69 -8.12
C ASP C 90 -6.99 17.23 -8.35
N GLU C 91 -6.89 16.84 -9.62
CA GLU C 91 -6.59 15.45 -9.96
C GLU C 91 -5.21 15.04 -9.46
N GLU C 92 -4.22 15.91 -9.65
CA GLU C 92 -2.84 15.57 -9.31
C GLU C 92 -2.66 15.46 -7.80
N LEU C 93 -3.23 16.40 -7.04
CA LEU C 93 -3.15 16.34 -5.58
C LEU C 93 -3.93 15.14 -5.04
N ASN C 94 -5.08 14.84 -5.65
CA ASN C 94 -5.86 13.67 -5.22
C ASN C 94 -5.10 12.38 -5.48
N LYS C 95 -4.38 12.31 -6.60
CA LYS C 95 -3.54 11.15 -6.87
C LYS C 95 -2.40 11.08 -5.85
N LEU C 96 -1.81 12.22 -5.50
CA LEU C 96 -0.74 12.24 -4.52
C LEU C 96 -1.22 11.75 -3.15
N LEU C 97 -2.41 12.17 -2.75
CA LEU C 97 -2.96 11.88 -1.42
C LEU C 97 -4.20 11.01 -1.52
N GLY C 98 -4.16 9.99 -2.37
CA GLY C 98 -5.30 9.10 -2.51
C GLY C 98 -5.47 8.13 -1.36
N LYS C 99 -4.42 7.86 -0.60
CA LYS C 99 -4.46 6.95 0.53
C LYS C 99 -4.31 7.72 1.84
N VAL C 100 -4.92 8.90 1.92
CA VAL C 100 -4.79 9.80 3.05
C VAL C 100 -6.19 10.20 3.51
N THR C 101 -6.42 10.12 4.82
CA THR C 101 -7.65 10.60 5.44
C THR C 101 -7.37 11.93 6.12
N ILE C 102 -8.23 12.91 5.88
CA ILE C 102 -8.09 14.26 6.42
C ILE C 102 -9.14 14.42 7.51
N ALA C 103 -8.69 14.74 8.73
CA ALA C 103 -9.60 14.94 9.84
C ALA C 103 -10.54 16.10 9.57
N GLN C 104 -11.83 15.89 9.84
CA GLN C 104 -12.86 16.90 9.69
C GLN C 104 -12.91 17.46 8.26
N GLY C 105 -12.72 16.58 7.28
CA GLY C 105 -12.69 17.01 5.90
C GLY C 105 -13.96 16.70 5.14
N GLY C 106 -14.72 15.71 5.60
CA GLY C 106 -15.91 15.32 4.88
C GLY C 106 -15.57 14.61 3.59
N VAL C 107 -16.53 14.64 2.66
CA VAL C 107 -16.36 14.02 1.35
C VAL C 107 -16.78 15.02 0.28
N LEU C 108 -16.30 14.77 -0.94
CA LEU C 108 -16.67 15.60 -2.07
C LEU C 108 -18.12 15.32 -2.47
N PRO C 109 -18.96 16.34 -2.62
CA PRO C 109 -20.37 16.08 -2.92
C PRO C 109 -20.58 15.52 -4.31
N ASN C 110 -20.86 14.22 -4.39
CA ASN C 110 -21.06 13.52 -5.64
C ASN C 110 -22.29 12.61 -5.49
N ILE C 111 -23.30 12.85 -6.31
CA ILE C 111 -24.51 12.02 -6.34
C ILE C 111 -24.56 11.34 -7.70
N GLN C 112 -24.70 10.02 -7.69
CA GLN C 112 -24.77 9.26 -8.93
C GLN C 112 -26.01 9.65 -9.73
N ALA C 113 -25.85 9.67 -11.06
CA ALA C 113 -26.93 10.17 -11.92
C ALA C 113 -28.15 9.26 -11.88
N VAL C 114 -27.97 7.97 -11.60
CA VAL C 114 -29.10 7.04 -11.53
C VAL C 114 -30.01 7.40 -10.36
N LEU C 115 -29.42 7.78 -9.22
CA LEU C 115 -30.21 8.06 -8.02
C LEU C 115 -31.07 9.31 -8.16
N LEU C 116 -30.75 10.19 -9.11
CA LEU C 116 -31.51 11.42 -9.27
C LEU C 116 -32.93 11.13 -9.74
N PRO C 117 -33.88 12.03 -9.46
CA PRO C 117 -35.27 11.79 -9.85
C PRO C 117 -35.44 11.62 -11.35
N LYS C 118 -36.37 10.76 -11.72
CA LYS C 118 -36.69 10.49 -13.12
C LYS C 118 -37.43 11.66 -13.76
N SER D 32 8.76 20.84 27.10
CA SER D 32 9.90 20.91 26.20
C SER D 32 9.48 21.51 24.86
N ARG D 33 10.35 22.34 24.31
CA ARG D 33 10.09 23.02 23.04
C ARG D 33 9.81 22.03 21.92
N LYS D 34 8.60 22.11 21.36
CA LYS D 34 8.22 21.30 20.22
C LYS D 34 8.42 22.08 18.93
N GLU D 35 8.85 21.39 17.88
CA GLU D 35 9.11 21.99 16.59
C GLU D 35 7.99 21.65 15.61
N SER D 36 7.70 22.58 14.71
CA SER D 36 6.64 22.41 13.72
C SER D 36 6.89 23.37 12.57
N TYR D 37 6.16 23.13 11.48
CA TYR D 37 6.24 23.98 10.29
C TYR D 37 5.17 25.06 10.28
N SER D 38 4.66 25.44 11.46
CA SER D 38 3.54 26.37 11.51
C SER D 38 3.93 27.75 10.98
N VAL D 39 5.08 28.26 11.42
CA VAL D 39 5.51 29.59 10.98
C VAL D 39 5.82 29.58 9.49
N TYR D 40 6.35 28.47 8.98
CA TYR D 40 6.74 28.40 7.57
C TYR D 40 5.52 28.33 6.67
N VAL D 41 4.55 27.50 7.04
CA VAL D 41 3.29 27.44 6.31
C VAL D 41 2.58 28.79 6.36
N TYR D 42 2.68 29.47 7.50
CA TYR D 42 2.03 30.77 7.65
C TYR D 42 2.69 31.80 6.74
N LYS D 43 4.03 31.77 6.65
CA LYS D 43 4.73 32.65 5.73
C LYS D 43 4.34 32.37 4.29
N VAL D 44 4.23 31.11 3.92
CA VAL D 44 3.82 30.77 2.55
C VAL D 44 2.40 31.27 2.29
N LEU D 45 1.52 31.15 3.28
CA LEU D 45 0.15 31.61 3.11
C LEU D 45 0.08 33.12 2.93
N LYS D 46 0.93 33.87 3.64
CA LYS D 46 0.92 35.33 3.47
C LYS D 46 1.49 35.79 2.13
N GLN D 47 2.21 34.95 1.40
CA GLN D 47 2.61 35.33 0.05
C GLN D 47 1.77 34.66 -1.02
N VAL D 48 0.90 33.74 -0.66
CA VAL D 48 -0.06 33.14 -1.59
C VAL D 48 -1.43 33.80 -1.49
N HIS D 49 -1.96 33.92 -0.28
CA HIS D 49 -3.20 34.64 -0.02
C HIS D 49 -2.94 35.62 1.11
N PRO D 50 -2.58 36.86 0.77
CA PRO D 50 -2.09 37.80 1.80
C PRO D 50 -3.10 38.13 2.89
N ASP D 51 -4.40 37.99 2.63
CA ASP D 51 -5.42 38.36 3.60
C ASP D 51 -6.29 37.18 4.03
N THR D 52 -5.74 35.97 3.96
CA THR D 52 -6.46 34.75 4.34
C THR D 52 -5.74 34.09 5.50
N GLY D 53 -6.51 33.71 6.53
CA GLY D 53 -5.98 33.03 7.69
C GLY D 53 -6.09 31.53 7.57
N ILE D 54 -5.80 30.86 8.68
CA ILE D 54 -5.84 29.40 8.74
C ILE D 54 -6.07 28.99 10.18
N SER D 55 -6.95 28.01 10.39
CA SER D 55 -7.27 27.53 11.71
C SER D 55 -6.18 26.60 12.23
N SER D 56 -6.22 26.36 13.55
CA SER D 56 -5.23 25.48 14.17
C SER D 56 -5.34 24.05 13.66
N LYS D 57 -6.57 23.57 13.46
CA LYS D 57 -6.76 22.22 12.92
C LYS D 57 -6.19 22.10 11.52
N ALA D 58 -6.44 23.09 10.67
CA ALA D 58 -5.91 23.06 9.31
C ALA D 58 -4.39 23.19 9.31
N MET D 59 -3.85 23.98 10.25
CA MET D 59 -2.40 24.11 10.35
C MET D 59 -1.77 22.78 10.78
N GLY D 60 -2.41 22.07 11.71
CA GLY D 60 -1.93 20.75 12.09
C GLY D 60 -2.01 19.75 10.95
N ILE D 61 -3.06 19.84 10.15
CA ILE D 61 -3.17 18.98 8.98
C ILE D 61 -2.06 19.28 7.98
N MET D 62 -1.75 20.56 7.78
CA MET D 62 -0.66 20.93 6.88
C MET D 62 0.69 20.46 7.40
N ASN D 63 0.89 20.51 8.73
CA ASN D 63 2.12 19.98 9.32
C ASN D 63 2.23 18.48 9.08
N SER D 64 1.12 17.75 9.25
CA SER D 64 1.12 16.32 8.98
C SER D 64 1.43 16.05 7.51
N PHE D 65 0.90 16.88 6.60
CA PHE D 65 1.21 16.74 5.18
C PHE D 65 2.70 16.91 4.93
N VAL D 66 3.29 17.96 5.49
CA VAL D 66 4.71 18.24 5.24
C VAL D 66 5.57 17.12 5.80
N ASN D 67 5.23 16.63 7.00
CA ASN D 67 5.99 15.52 7.58
C ASN D 67 5.87 14.27 6.72
N ASP D 68 4.66 13.97 6.23
CA ASP D 68 4.45 12.77 5.43
C ASP D 68 5.27 12.83 4.14
N ILE D 69 5.23 13.97 3.44
CA ILE D 69 5.98 14.08 2.19
C ILE D 69 7.48 14.11 2.43
N PHE D 70 7.92 14.75 3.52
CA PHE D 70 9.34 14.73 3.86
C PHE D 70 9.83 13.29 4.06
N GLU D 71 9.06 12.51 4.83
CA GLU D 71 9.47 11.15 5.09
C GLU D 71 9.41 10.28 3.84
N ARG D 72 8.41 10.51 2.97
CA ARG D 72 8.31 9.75 1.73
C ARG D 72 9.51 10.03 0.82
N ILE D 73 9.80 11.31 0.59
CA ILE D 73 10.89 11.67 -0.30
C ILE D 73 12.23 11.21 0.26
N ALA D 74 12.44 11.40 1.57
CA ALA D 74 13.70 11.00 2.17
C ALA D 74 13.88 9.48 2.17
N GLY D 75 12.81 8.72 2.40
CA GLY D 75 12.92 7.28 2.31
C GLY D 75 13.22 6.80 0.91
N GLU D 76 12.59 7.40 -0.09
CA GLU D 76 12.89 7.01 -1.47
C GLU D 76 14.31 7.40 -1.85
N ALA D 77 14.78 8.56 -1.39
CA ALA D 77 16.17 8.95 -1.66
C ALA D 77 17.16 8.01 -0.98
N SER D 78 16.82 7.55 0.23
CA SER D 78 17.66 6.57 0.92
C SER D 78 17.71 5.27 0.14
N ARG D 79 16.56 4.82 -0.38
CA ARG D 79 16.54 3.61 -1.19
C ARG D 79 17.36 3.78 -2.47
N LEU D 80 17.26 4.95 -3.09
CA LEU D 80 18.06 5.24 -4.30
C LEU D 80 19.55 5.20 -4.01
N ALA D 81 19.96 5.78 -2.88
CA ALA D 81 21.36 5.76 -2.50
C ALA D 81 21.83 4.34 -2.21
N HIS D 82 20.97 3.52 -1.59
CA HIS D 82 21.35 2.14 -1.28
C HIS D 82 21.46 1.29 -2.54
N TYR D 83 20.56 1.50 -3.51
CA TYR D 83 20.53 0.66 -4.69
C TYR D 83 21.81 0.81 -5.51
N ASN D 84 22.32 2.04 -5.61
CA ASN D 84 23.51 2.33 -6.41
C ASN D 84 24.79 2.24 -5.58
N LYS D 85 24.74 1.59 -4.43
CA LYS D 85 25.90 1.39 -3.56
C LYS D 85 26.54 2.73 -3.16
N ARG D 86 25.73 3.76 -3.03
CA ARG D 86 26.21 5.09 -2.69
C ARG D 86 25.99 5.34 -1.19
N SER D 87 26.87 6.17 -0.62
CA SER D 87 26.87 6.41 0.81
C SER D 87 26.38 7.81 1.17
N THR D 88 25.88 8.57 0.20
CA THR D 88 25.43 9.93 0.44
C THR D 88 24.12 10.16 -0.29
N ILE D 89 23.36 11.13 0.21
CA ILE D 89 22.12 11.58 -0.42
C ILE D 89 22.37 12.98 -0.95
N THR D 90 22.45 13.11 -2.26
CA THR D 90 22.70 14.38 -2.92
C THR D 90 21.41 14.94 -3.50
N SER D 91 21.52 16.10 -4.14
CA SER D 91 20.35 16.69 -4.81
C SER D 91 19.88 15.85 -5.98
N ARG D 92 20.74 15.00 -6.55
CA ARG D 92 20.31 14.10 -7.62
C ARG D 92 19.40 13.01 -7.08
N GLU D 93 19.70 12.51 -5.88
CA GLU D 93 18.82 11.51 -5.26
C GLU D 93 17.47 12.12 -4.90
N ILE D 94 17.47 13.35 -4.38
CA ILE D 94 16.21 14.01 -4.08
C ILE D 94 15.44 14.30 -5.35
N GLN D 95 16.13 14.66 -6.43
CA GLN D 95 15.47 14.91 -7.70
C GLN D 95 14.80 13.65 -8.23
N THR D 96 15.50 12.52 -8.18
CA THR D 96 14.90 11.28 -8.65
C THR D 96 13.76 10.84 -7.74
N ALA D 97 13.89 11.05 -6.44
CA ALA D 97 12.79 10.73 -5.52
C ALA D 97 11.57 11.59 -5.80
N VAL D 98 11.77 12.86 -6.16
CA VAL D 98 10.65 13.71 -6.51
C VAL D 98 10.01 13.24 -7.81
N ARG D 99 10.82 12.88 -8.80
CA ARG D 99 10.25 12.39 -10.05
C ARG D 99 9.59 11.03 -9.90
N LEU D 100 9.88 10.31 -8.82
CA LEU D 100 9.15 9.07 -8.56
C LEU D 100 7.87 9.28 -7.75
N LEU D 101 7.95 10.06 -6.67
CA LEU D 101 6.77 10.28 -5.83
C LEU D 101 5.74 11.17 -6.51
N LEU D 102 6.15 12.29 -7.05
CA LEU D 102 5.15 13.23 -7.50
C LEU D 102 4.66 12.85 -8.90
N PRO D 103 3.36 12.96 -9.16
CA PRO D 103 2.82 12.58 -10.46
C PRO D 103 2.74 13.75 -11.43
N GLY D 104 2.99 13.46 -12.70
CA GLY D 104 2.65 14.37 -13.78
C GLY D 104 3.35 15.71 -13.70
N GLU D 105 2.56 16.77 -13.84
CA GLU D 105 3.08 18.13 -13.94
C GLU D 105 3.56 18.66 -12.60
N LEU D 106 3.01 18.13 -11.50
CA LEU D 106 3.50 18.50 -10.17
C LEU D 106 4.97 18.15 -10.02
N ALA D 107 5.39 17.01 -10.59
CA ALA D 107 6.80 16.63 -10.52
C ALA D 107 7.67 17.55 -11.36
N LYS D 108 7.19 17.96 -12.53
CA LYS D 108 7.98 18.87 -13.36
C LYS D 108 8.18 20.21 -12.69
N HIS D 109 7.11 20.75 -12.10
CA HIS D 109 7.24 22.03 -11.41
C HIS D 109 8.09 21.92 -10.15
N ALA D 110 7.97 20.82 -9.41
CA ALA D 110 8.80 20.64 -8.23
C ALA D 110 10.27 20.51 -8.59
N VAL D 111 10.57 19.80 -9.69
CA VAL D 111 11.95 19.69 -10.14
C VAL D 111 12.49 21.05 -10.56
N SER D 112 11.68 21.84 -11.27
CA SER D 112 12.13 23.17 -11.67
C SER D 112 12.39 24.06 -10.45
N GLU D 113 11.50 24.02 -9.47
CA GLU D 113 11.68 24.82 -8.26
C GLU D 113 12.92 24.40 -7.48
N GLY D 114 13.13 23.08 -7.36
CA GLY D 114 14.31 22.60 -6.64
C GLY D 114 15.60 22.96 -7.34
N THR D 115 15.62 22.84 -8.68
CA THR D 115 16.81 23.22 -9.42
C THR D 115 17.08 24.72 -9.31
N LYS D 116 16.03 25.55 -9.34
CA LYS D 116 16.20 26.98 -9.15
C LYS D 116 16.78 27.28 -7.76
N ALA D 117 16.27 26.61 -6.73
CA ALA D 117 16.76 26.86 -5.38
C ALA D 117 18.21 26.43 -5.22
N VAL D 118 18.58 25.26 -5.76
CA VAL D 118 19.96 24.78 -5.63
C VAL D 118 20.91 25.68 -6.42
N THR D 119 20.49 26.13 -7.60
CA THR D 119 21.33 27.04 -8.39
C THR D 119 21.54 28.35 -7.65
N LYS D 120 20.48 28.92 -7.08
CA LYS D 120 20.61 30.17 -6.34
C LYS D 120 21.47 29.99 -5.09
N TYR D 121 21.36 28.81 -4.45
CA TYR D 121 22.22 28.52 -3.30
C TYR D 121 23.69 28.44 -3.70
N THR D 122 23.99 27.72 -4.79
CA THR D 122 25.37 27.61 -5.24
C THR D 122 25.91 28.90 -5.83
N SER D 123 25.05 29.86 -6.15
CA SER D 123 25.49 31.18 -6.56
C SER D 123 25.45 32.19 -5.42
N SER D 124 25.20 31.71 -4.19
CA SER D 124 25.16 32.55 -2.99
C SER D 124 24.20 33.72 -3.12
N PRO E 38 -53.07 15.97 5.06
CA PRO E 38 -51.66 15.95 5.44
C PRO E 38 -50.73 15.97 4.24
N HIS E 39 -49.47 16.31 4.47
CA HIS E 39 -48.46 16.37 3.42
C HIS E 39 -47.42 15.29 3.68
N ARG E 40 -47.21 14.41 2.69
CA ARG E 40 -46.21 13.35 2.79
C ARG E 40 -45.34 13.38 1.55
N TYR E 41 -44.04 13.61 1.74
CA TYR E 41 -43.10 13.56 0.63
C TYR E 41 -42.98 12.14 0.10
N ARG E 42 -42.78 12.03 -1.21
CA ARG E 42 -42.60 10.73 -1.83
C ARG E 42 -41.25 10.14 -1.43
N PRO E 43 -41.13 8.79 -1.44
CA PRO E 43 -39.97 8.16 -0.81
C PRO E 43 -38.62 8.52 -1.42
N GLY E 44 -38.57 8.99 -2.67
CA GLY E 44 -37.29 9.30 -3.28
C GLY E 44 -36.61 10.52 -2.68
N THR E 45 -37.39 11.56 -2.36
CA THR E 45 -36.80 12.90 -2.22
C THR E 45 -36.13 13.10 -0.86
N VAL E 46 -36.73 12.62 0.23
CA VAL E 46 -36.16 12.88 1.55
C VAL E 46 -34.81 12.18 1.69
N ALA E 47 -34.64 11.03 1.04
CA ALA E 47 -33.34 10.38 1.02
C ALA E 47 -32.31 11.24 0.32
N LEU E 48 -32.70 11.91 -0.77
CA LEU E 48 -31.78 12.77 -1.50
C LEU E 48 -31.41 14.01 -0.69
N ARG E 49 -32.36 14.56 0.06
CA ARG E 49 -32.05 15.70 0.93
C ARG E 49 -31.04 15.30 2.00
N GLU E 50 -31.17 14.09 2.54
CA GLU E 50 -30.19 13.60 3.51
C GLU E 50 -28.82 13.48 2.86
N ILE E 51 -28.76 12.99 1.62
CA ILE E 51 -27.48 12.82 0.94
C ILE E 51 -26.78 14.18 0.81
N ARG E 52 -27.52 15.20 0.36
CA ARG E 52 -26.95 16.53 0.23
C ARG E 52 -26.54 17.09 1.60
N ARG E 53 -27.42 16.94 2.60
CA ARG E 53 -27.12 17.48 3.92
C ARG E 53 -25.89 16.81 4.52
N TYR E 54 -25.81 15.48 4.43
CA TYR E 54 -24.71 14.79 5.08
C TYR E 54 -23.45 14.76 4.22
N GLN E 55 -23.53 15.20 2.96
CA GLN E 55 -22.32 15.41 2.17
C GLN E 55 -21.76 16.81 2.34
N LYS E 56 -22.62 17.81 2.58
CA LYS E 56 -22.14 19.18 2.74
C LYS E 56 -21.36 19.35 4.05
N SER E 57 -21.80 18.70 5.12
CA SER E 57 -21.24 18.94 6.44
C SER E 57 -20.12 17.95 6.76
N THR E 58 -19.53 18.10 7.96
CA THR E 58 -18.42 17.25 8.36
C THR E 58 -18.54 16.75 9.80
N GLU E 59 -19.74 16.69 10.37
CA GLU E 59 -19.86 16.17 11.73
C GLU E 59 -19.57 14.67 11.75
N LEU E 60 -19.56 14.10 12.95
CA LEU E 60 -19.10 12.73 13.11
C LEU E 60 -20.14 11.72 12.62
N LEU E 61 -21.41 11.94 12.93
CA LEU E 61 -22.58 11.11 12.59
C LEU E 61 -22.69 9.86 13.45
N ILE E 62 -21.71 9.57 14.31
CA ILE E 62 -21.79 8.46 15.26
C ILE E 62 -21.58 9.05 16.65
N ARG E 63 -22.45 8.68 17.57
CA ARG E 63 -22.42 9.24 18.92
C ARG E 63 -21.12 8.88 19.62
N LYS E 64 -20.62 9.80 20.44
CA LYS E 64 -19.29 9.66 21.04
C LYS E 64 -19.25 8.49 22.01
N LEU E 65 -20.20 8.45 22.94
CA LEU E 65 -20.16 7.45 24.02
C LEU E 65 -20.31 6.02 23.52
N PRO E 66 -21.27 5.67 22.65
CA PRO E 66 -21.32 4.28 22.17
C PRO E 66 -20.05 3.85 21.44
N PHE E 67 -19.48 4.73 20.63
CA PHE E 67 -18.26 4.36 19.91
C PHE E 67 -17.09 4.18 20.87
N GLN E 68 -16.96 5.07 21.85
CA GLN E 68 -15.90 4.93 22.84
C GLN E 68 -16.05 3.65 23.64
N ARG E 69 -17.28 3.33 24.04
CA ARG E 69 -17.54 2.11 24.79
C ARG E 69 -17.21 0.88 23.97
N LEU E 70 -17.56 0.89 22.67
CA LEU E 70 -17.21 -0.23 21.80
C LEU E 70 -15.70 -0.36 21.63
N VAL E 71 -15.00 0.77 21.52
CA VAL E 71 -13.55 0.74 21.40
C VAL E 71 -12.93 0.09 22.63
N ARG E 72 -13.40 0.47 23.82
CA ARG E 72 -12.86 -0.12 25.04
C ARG E 72 -13.22 -1.60 25.15
N GLU E 73 -14.44 -1.98 24.75
CA GLU E 73 -14.81 -3.40 24.69
C GLU E 73 -13.84 -4.18 23.82
N ILE E 74 -13.56 -3.67 22.62
CA ILE E 74 -12.66 -4.37 21.71
C ILE E 74 -11.26 -4.45 22.30
N ALA E 75 -10.81 -3.36 22.93
CA ALA E 75 -9.47 -3.34 23.49
C ALA E 75 -9.31 -4.22 24.71
N GLN E 76 -10.40 -4.58 25.39
CA GLN E 76 -10.30 -5.50 26.52
C GLN E 76 -9.69 -6.85 26.12
N ASP E 77 -9.85 -7.25 24.86
CA ASP E 77 -9.32 -8.53 24.43
C ASP E 77 -7.80 -8.55 24.41
N PHE E 78 -7.16 -7.42 24.12
CA PHE E 78 -5.71 -7.39 23.94
C PHE E 78 -4.97 -7.00 25.21
N LYS E 79 -5.56 -6.18 26.06
CA LYS E 79 -4.93 -5.78 27.31
C LYS E 79 -5.99 -5.30 28.28
N THR E 80 -6.01 -5.87 29.48
CA THR E 80 -6.96 -5.47 30.49
C THR E 80 -6.49 -4.19 31.20
N ASP E 81 -7.46 -3.41 31.67
CA ASP E 81 -7.23 -2.14 32.36
C ASP E 81 -6.41 -1.18 31.49
N LEU E 82 -6.94 -0.92 30.29
CA LEU E 82 -6.31 -0.02 29.35
C LEU E 82 -6.83 1.40 29.53
N ARG E 83 -5.91 2.36 29.49
CA ARG E 83 -6.26 3.77 29.50
C ARG E 83 -6.25 4.28 28.07
N PHE E 84 -7.26 5.04 27.70
CA PHE E 84 -7.36 5.62 26.36
C PHE E 84 -7.29 7.13 26.43
N GLN E 85 -6.43 7.70 25.59
CA GLN E 85 -6.36 9.15 25.44
C GLN E 85 -7.49 9.60 24.52
N SER E 86 -8.14 10.71 24.87
CA SER E 86 -9.32 11.15 24.14
C SER E 86 -9.02 11.40 22.67
N SER E 87 -7.82 11.92 22.38
CA SER E 87 -7.41 12.12 20.99
C SER E 87 -7.32 10.80 20.25
N ALA E 88 -6.91 9.73 20.94
CA ALA E 88 -6.84 8.41 20.31
C ALA E 88 -8.22 7.91 19.91
N VAL E 89 -9.22 8.08 20.78
CA VAL E 89 -10.58 7.68 20.45
C VAL E 89 -11.11 8.53 19.31
N MET E 90 -10.78 9.83 19.31
CA MET E 90 -11.22 10.71 18.24
C MET E 90 -10.63 10.28 16.90
N ALA E 91 -9.34 9.94 16.88
CA ALA E 91 -8.70 9.47 15.66
C ALA E 91 -9.29 8.17 15.18
N LEU E 92 -9.57 7.24 16.11
CA LEU E 92 -10.20 5.99 15.76
C LEU E 92 -11.55 6.21 15.12
N GLN E 93 -12.36 7.12 15.70
CA GLN E 93 -13.67 7.40 15.15
C GLN E 93 -13.57 8.01 13.76
N GLU E 94 -12.66 8.97 13.57
CA GLU E 94 -12.52 9.60 12.27
C GLU E 94 -12.12 8.59 11.21
N ALA E 95 -11.12 7.76 11.51
CA ALA E 95 -10.66 6.76 10.55
C ALA E 95 -11.75 5.74 10.25
N SER E 96 -12.46 5.27 11.27
CA SER E 96 -13.51 4.28 11.08
C SER E 96 -14.62 4.82 10.20
N GLU E 97 -15.04 6.07 10.44
CA GLU E 97 -16.13 6.64 9.67
C GLU E 97 -15.70 6.92 8.23
N ALA E 98 -14.46 7.35 8.03
CA ALA E 98 -13.96 7.53 6.66
C ALA E 98 -13.95 6.21 5.92
N TYR E 99 -13.48 5.14 6.59
CA TYR E 99 -13.47 3.82 5.97
C TYR E 99 -14.88 3.37 5.62
N LEU E 100 -15.84 3.59 6.53
CA LEU E 100 -17.21 3.16 6.27
C LEU E 100 -17.84 3.96 5.13
N VAL E 101 -17.53 5.26 5.04
CA VAL E 101 -18.08 6.06 3.95
C VAL E 101 -17.50 5.62 2.60
N GLY E 102 -16.20 5.35 2.55
CA GLY E 102 -15.63 4.82 1.31
C GLY E 102 -16.20 3.48 0.93
N LEU E 103 -16.40 2.60 1.93
CA LEU E 103 -17.02 1.30 1.68
C LEU E 103 -18.42 1.46 1.14
N PHE E 104 -19.17 2.43 1.68
CA PHE E 104 -20.53 2.66 1.20
C PHE E 104 -20.55 3.24 -0.21
N GLU E 105 -19.56 4.06 -0.56
CA GLU E 105 -19.44 4.52 -1.94
C GLU E 105 -19.22 3.36 -2.89
N ASP E 106 -18.28 2.46 -2.55
CA ASP E 106 -18.04 1.30 -3.41
C ASP E 106 -19.26 0.39 -3.45
N THR E 107 -19.98 0.27 -2.33
CA THR E 107 -21.19 -0.53 -2.27
C THR E 107 -22.26 0.03 -3.19
N ASN E 108 -22.44 1.34 -3.19
CA ASN E 108 -23.41 1.97 -4.08
C ASN E 108 -23.01 1.77 -5.53
N LEU E 109 -21.71 1.85 -5.83
CA LEU E 109 -21.25 1.57 -7.18
C LEU E 109 -21.59 0.15 -7.61
N ALA E 110 -21.38 -0.82 -6.72
CA ALA E 110 -21.71 -2.21 -7.06
C ALA E 110 -23.22 -2.39 -7.24
N ALA E 111 -24.02 -1.73 -6.39
CA ALA E 111 -25.47 -1.84 -6.50
C ALA E 111 -25.98 -1.26 -7.82
N ILE E 112 -25.42 -0.12 -8.23
CA ILE E 112 -25.81 0.46 -9.52
C ILE E 112 -25.33 -0.42 -10.66
N HIS E 113 -24.14 -1.02 -10.52
CA HIS E 113 -23.65 -1.94 -11.55
C HIS E 113 -24.55 -3.15 -11.70
N ALA E 114 -25.18 -3.59 -10.60
CA ALA E 114 -26.14 -4.69 -10.65
C ALA E 114 -27.52 -4.25 -11.11
N LYS E 115 -27.62 -3.06 -11.73
CA LYS E 115 -28.88 -2.49 -12.20
C LYS E 115 -29.89 -2.38 -11.06
N ARG E 116 -29.45 -1.83 -9.95
CA ARG E 116 -30.25 -1.74 -8.74
C ARG E 116 -30.07 -0.38 -8.09
N VAL E 117 -30.92 -0.10 -7.09
CA VAL E 117 -30.85 1.12 -6.30
C VAL E 117 -30.54 0.83 -4.84
N THR E 118 -31.19 -0.17 -4.27
CA THR E 118 -30.94 -0.57 -2.89
C THR E 118 -29.59 -1.27 -2.79
N ILE E 119 -28.89 -1.05 -1.69
CA ILE E 119 -27.68 -1.81 -1.39
C ILE E 119 -28.05 -3.00 -0.52
N MET E 120 -27.45 -4.14 -0.81
CA MET E 120 -27.63 -5.37 -0.07
C MET E 120 -26.28 -5.89 0.40
N PRO E 121 -26.20 -6.75 1.47
CA PRO E 121 -24.94 -7.33 1.94
C PRO E 121 -24.04 -7.84 0.81
N LYS E 122 -24.63 -8.49 -0.20
CA LYS E 122 -23.77 -9.02 -1.27
C LYS E 122 -23.02 -7.90 -1.99
N ASP E 123 -23.58 -6.69 -2.03
CA ASP E 123 -22.87 -5.56 -2.61
C ASP E 123 -21.63 -5.23 -1.79
N ILE E 124 -21.79 -5.17 -0.46
CA ILE E 124 -20.66 -4.91 0.43
C ILE E 124 -19.63 -6.04 0.32
N GLN E 125 -20.12 -7.27 0.22
CA GLN E 125 -19.21 -8.40 0.10
C GLN E 125 -18.39 -8.35 -1.19
N LEU E 126 -19.03 -7.99 -2.30
CA LEU E 126 -18.28 -7.82 -3.54
C LEU E 126 -17.28 -6.68 -3.46
N ALA E 127 -17.68 -5.56 -2.84
CA ALA E 127 -16.78 -4.43 -2.69
C ALA E 127 -15.56 -4.81 -1.87
N ARG E 128 -15.76 -5.55 -0.77
CA ARG E 128 -14.64 -5.97 0.06
C ARG E 128 -13.80 -7.03 -0.64
N ARG E 129 -14.43 -7.88 -1.45
CA ARG E 129 -13.68 -8.90 -2.19
C ARG E 129 -12.75 -8.26 -3.21
N ILE E 130 -13.24 -7.27 -3.96
CA ILE E 130 -12.41 -6.61 -4.95
C ILE E 130 -11.34 -5.75 -4.28
N ARG E 131 -11.71 -5.07 -3.18
CA ARG E 131 -10.76 -4.22 -2.49
C ARG E 131 -9.61 -5.00 -1.87
N GLY E 132 -9.76 -6.30 -1.69
CA GLY E 132 -8.71 -7.12 -1.13
C GLY E 132 -8.86 -7.46 0.33
N GLU E 133 -10.05 -7.32 0.90
CA GLU E 133 -10.28 -7.66 2.30
C GLU E 133 -10.97 -9.00 2.41
N LEU F 22 -18.02 -4.90 29.83
CA LEU F 22 -18.92 -4.35 28.83
C LEU F 22 -19.59 -5.46 28.03
N ARG F 23 -20.77 -5.18 27.46
CA ARG F 23 -21.56 -6.21 26.80
C ARG F 23 -22.27 -5.60 25.61
N ASP F 24 -21.96 -6.12 24.42
CA ASP F 24 -22.67 -5.80 23.16
C ASP F 24 -22.80 -4.30 22.94
N ASN F 25 -21.66 -3.60 22.97
CA ASN F 25 -21.68 -2.19 22.61
C ASN F 25 -21.66 -1.99 21.10
N ILE F 26 -21.54 -3.06 20.32
CA ILE F 26 -21.64 -2.95 18.86
C ILE F 26 -23.03 -2.49 18.45
N GLN F 27 -24.05 -2.76 19.27
CA GLN F 27 -25.38 -2.24 19.01
C GLN F 27 -25.47 -0.74 19.23
N GLY F 28 -24.45 -0.12 19.83
CA GLY F 28 -24.41 1.33 19.93
C GLY F 28 -24.20 2.02 18.61
N ILE F 29 -23.71 1.29 17.61
CA ILE F 29 -23.66 1.82 16.24
C ILE F 29 -25.05 1.57 15.65
N THR F 30 -25.95 2.50 15.95
CA THR F 30 -27.36 2.28 15.69
C THR F 30 -27.66 2.35 14.20
N LYS F 31 -28.84 1.83 13.83
CA LYS F 31 -29.33 1.92 12.47
C LYS F 31 -29.40 3.35 11.93
N PRO F 32 -29.85 4.37 12.68
CA PRO F 32 -29.74 5.74 12.16
C PRO F 32 -28.31 6.18 11.86
N ALA F 33 -27.33 5.76 12.66
CA ALA F 33 -25.95 6.14 12.40
C ALA F 33 -25.43 5.51 11.11
N ILE F 34 -25.74 4.23 10.90
CA ILE F 34 -25.35 3.56 9.66
C ILE F 34 -26.05 4.22 8.47
N ARG F 35 -27.31 4.60 8.65
CA ARG F 35 -28.04 5.29 7.60
C ARG F 35 -27.39 6.63 7.26
N ARG F 36 -26.96 7.39 8.27
CA ARG F 36 -26.30 8.66 8.02
C ARG F 36 -24.97 8.46 7.31
N LEU F 37 -24.22 7.43 7.70
CA LEU F 37 -22.96 7.14 7.02
C LEU F 37 -23.20 6.76 5.57
N ALA F 38 -24.26 6.00 5.30
CA ALA F 38 -24.59 5.67 3.92
C ALA F 38 -25.01 6.90 3.13
N ARG F 39 -25.78 7.79 3.77
CA ARG F 39 -26.20 9.02 3.09
C ARG F 39 -25.02 9.88 2.71
N ARG F 40 -24.04 10.03 3.61
CA ARG F 40 -22.84 10.77 3.26
C ARG F 40 -22.07 10.08 2.13
N GLY F 41 -22.08 8.75 2.10
CA GLY F 41 -21.49 8.03 1.00
C GLY F 41 -22.30 8.07 -0.28
N GLY F 42 -23.52 8.56 -0.23
CA GLY F 42 -24.33 8.72 -1.43
C GLY F 42 -25.21 7.53 -1.73
N VAL F 43 -25.79 6.93 -0.70
CA VAL F 43 -26.66 5.77 -0.85
C VAL F 43 -28.11 6.22 -0.64
N LYS F 44 -28.98 5.86 -1.56
CA LYS F 44 -30.36 6.32 -1.54
C LYS F 44 -31.28 5.39 -0.76
N ARG F 45 -31.25 4.10 -1.07
CA ARG F 45 -32.06 3.10 -0.40
C ARG F 45 -31.18 2.03 0.22
N ILE F 46 -31.54 1.60 1.43
CA ILE F 46 -30.74 0.68 2.23
C ILE F 46 -31.60 -0.50 2.62
N SER F 47 -31.07 -1.72 2.48
CA SER F 47 -31.78 -2.91 2.87
C SER F 47 -31.74 -3.08 4.39
N GLY F 48 -32.50 -4.07 4.88
CA GLY F 48 -32.55 -4.32 6.30
C GLY F 48 -31.33 -5.05 6.83
N LEU F 49 -30.68 -5.85 5.99
CA LEU F 49 -29.52 -6.63 6.41
C LEU F 49 -28.22 -5.85 6.33
N ILE F 50 -28.24 -4.63 5.77
CA ILE F 50 -27.04 -3.82 5.68
C ILE F 50 -26.49 -3.47 7.05
N TYR F 51 -27.37 -3.27 8.03
CA TYR F 51 -26.93 -2.78 9.34
C TYR F 51 -26.03 -3.79 10.05
N GLU F 52 -26.42 -5.06 10.03
CA GLU F 52 -25.61 -6.08 10.70
C GLU F 52 -24.27 -6.28 9.99
N GLU F 53 -24.30 -6.25 8.65
CA GLU F 53 -23.04 -6.39 7.87
C GLU F 53 -22.13 -5.20 8.19
N THR F 54 -22.68 -3.98 8.25
CA THR F 54 -21.90 -2.80 8.56
C THR F 54 -21.30 -2.89 9.95
N ARG F 55 -22.08 -3.38 10.92
CA ARG F 55 -21.55 -3.59 12.26
C ARG F 55 -20.40 -4.59 12.25
N GLY F 56 -20.55 -5.68 11.50
CA GLY F 56 -19.48 -6.65 11.42
C GLY F 56 -18.21 -6.11 10.77
N VAL F 57 -18.36 -5.38 9.67
CA VAL F 57 -17.21 -4.81 8.98
C VAL F 57 -16.51 -3.77 9.85
N LEU F 58 -17.30 -2.91 10.51
CA LEU F 58 -16.72 -1.93 11.41
C LEU F 58 -16.01 -2.60 12.58
N LYS F 59 -16.59 -3.68 13.10
CA LYS F 59 -15.95 -4.43 14.17
C LYS F 59 -14.61 -4.99 13.73
N VAL F 60 -14.57 -5.61 12.55
CA VAL F 60 -13.33 -6.22 12.06
C VAL F 60 -12.25 -5.17 11.85
N PHE F 61 -12.63 -4.05 11.23
CA PHE F 61 -11.68 -2.95 11.01
C PHE F 61 -11.17 -2.39 12.34
N LEU F 62 -12.07 -2.24 13.31
CA LEU F 62 -11.68 -1.72 14.61
C LEU F 62 -10.71 -2.64 15.34
N GLU F 63 -10.97 -3.95 15.32
CA GLU F 63 -10.01 -4.87 15.95
C GLU F 63 -8.67 -4.84 15.23
N ASN F 64 -8.69 -4.77 13.89
CA ASN F 64 -7.43 -4.73 13.14
C ASN F 64 -6.61 -3.51 13.51
N VAL F 65 -7.25 -2.34 13.65
CA VAL F 65 -6.49 -1.14 13.98
C VAL F 65 -6.08 -1.13 15.45
N ILE F 66 -6.99 -1.51 16.34
CA ILE F 66 -6.73 -1.43 17.78
C ILE F 66 -5.68 -2.45 18.21
N ARG F 67 -5.59 -3.61 17.54
CA ARG F 67 -4.54 -4.55 17.88
C ARG F 67 -3.16 -3.95 17.66
N ASP F 68 -2.96 -3.28 16.53
CA ASP F 68 -1.68 -2.63 16.26
C ASP F 68 -1.46 -1.45 17.21
N ALA F 69 -2.51 -0.69 17.50
CA ALA F 69 -2.36 0.42 18.44
C ALA F 69 -1.93 -0.06 19.82
N VAL F 70 -2.54 -1.15 20.28
CA VAL F 70 -2.17 -1.71 21.58
C VAL F 70 -0.77 -2.29 21.54
N THR F 71 -0.37 -2.89 20.41
CA THR F 71 1.00 -3.39 20.29
C THR F 71 2.01 -2.26 20.42
N TYR F 72 1.74 -1.14 19.74
CA TYR F 72 2.59 0.04 19.87
C TYR F 72 2.62 0.55 21.31
N THR F 73 1.47 0.49 21.99
CA THR F 73 1.40 0.93 23.38
C THR F 73 2.25 0.05 24.29
N GLU F 74 2.16 -1.28 24.12
CA GLU F 74 2.97 -2.18 24.93
C GLU F 74 4.46 -1.98 24.66
N HIS F 75 4.84 -1.79 23.40
CA HIS F 75 6.26 -1.63 23.09
C HIS F 75 6.85 -0.39 23.77
N ALA F 76 6.02 0.64 23.98
CA ALA F 76 6.46 1.84 24.67
C ALA F 76 6.42 1.71 26.17
N LYS F 77 6.04 0.54 26.69
CA LYS F 77 5.90 0.28 28.13
C LYS F 77 4.91 1.26 28.77
N ARG F 78 3.87 1.60 28.03
CA ARG F 78 2.84 2.51 28.49
C ARG F 78 1.56 1.75 28.76
N LYS F 79 0.74 2.30 29.66
CA LYS F 79 -0.59 1.80 29.93
C LYS F 79 -1.68 2.64 29.29
N THR F 80 -1.30 3.67 28.52
CA THR F 80 -2.24 4.57 27.89
C THR F 80 -2.04 4.49 26.38
N VAL F 81 -3.13 4.31 25.64
CA VAL F 81 -3.10 4.27 24.17
C VAL F 81 -3.22 5.71 23.69
N THR F 82 -2.10 6.26 23.23
CA THR F 82 -2.08 7.64 22.76
C THR F 82 -2.61 7.73 21.34
N ALA F 83 -2.88 8.98 20.90
CA ALA F 83 -3.34 9.20 19.54
C ALA F 83 -2.27 8.90 18.51
N MET F 84 -1.01 9.12 18.86
CA MET F 84 0.07 8.86 17.92
C MET F 84 0.21 7.36 17.66
N ASP F 85 -0.10 6.53 18.67
CA ASP F 85 -0.15 5.09 18.46
C ASP F 85 -1.21 4.72 17.44
N VAL F 86 -2.39 5.34 17.52
CA VAL F 86 -3.45 5.09 16.55
C VAL F 86 -3.02 5.56 15.16
N VAL F 87 -2.35 6.70 15.09
CA VAL F 87 -1.87 7.21 13.81
C VAL F 87 -0.86 6.25 13.18
N TYR F 88 0.06 5.73 13.98
CA TYR F 88 1.02 4.76 13.48
C TYR F 88 0.34 3.47 13.04
N ALA F 89 -0.66 3.02 13.81
CA ALA F 89 -1.39 1.82 13.44
C ALA F 89 -2.12 2.00 12.12
N LEU F 90 -2.72 3.17 11.91
CA LEU F 90 -3.42 3.44 10.65
C LEU F 90 -2.45 3.51 9.48
N LYS F 91 -1.33 4.20 9.68
CA LYS F 91 -0.32 4.29 8.63
C LYS F 91 0.25 2.93 8.28
N ARG F 92 0.36 2.04 9.28
CA ARG F 92 0.83 0.69 9.01
C ARG F 92 -0.12 -0.06 8.09
N GLN F 93 -1.41 0.21 8.19
CA GLN F 93 -2.41 -0.43 7.34
C GLN F 93 -2.69 0.36 6.08
N GLY F 94 -1.97 1.45 5.83
CA GLY F 94 -2.15 2.22 4.63
C GLY F 94 -3.24 3.27 4.69
N ARG F 95 -3.65 3.70 5.87
CA ARG F 95 -4.70 4.70 6.00
C ARG F 95 -4.16 6.13 6.04
N THR F 96 -3.11 6.37 6.84
CA THR F 96 -2.43 7.66 6.92
C THR F 96 -3.41 8.78 7.26
N LEU F 97 -3.88 8.74 8.49
CA LEU F 97 -4.75 9.79 8.99
C LEU F 97 -3.97 11.08 9.22
N TYR F 98 -4.50 12.18 8.71
CA TYR F 98 -3.95 13.51 8.98
C TYR F 98 -4.73 14.15 10.12
N GLY F 99 -4.19 15.25 10.64
CA GLY F 99 -4.82 15.89 11.78
C GLY F 99 -4.11 15.60 13.09
N PHE F 100 -4.63 14.63 13.83
CA PHE F 100 -4.09 14.23 15.12
C PHE F 100 -2.60 13.88 15.00
N GLY F 101 -1.77 14.68 15.66
CA GLY F 101 -0.34 14.45 15.67
C GLY F 101 0.34 14.53 14.32
N LYS G 15 31.96 -22.27 17.74
CA LYS G 15 32.49 -20.91 17.67
C LYS G 15 31.53 -19.98 16.93
N THR G 16 30.80 -20.55 15.96
CA THR G 16 29.87 -19.75 15.18
C THR G 16 28.66 -19.36 16.02
N ARG G 17 28.21 -18.12 15.88
CA ARG G 17 27.07 -17.64 16.65
C ARG G 17 25.79 -18.37 16.26
N SER G 18 25.65 -18.73 14.99
CA SER G 18 24.47 -19.48 14.56
C SER G 18 24.43 -20.85 15.23
N SER G 19 25.56 -21.54 15.30
CA SER G 19 25.62 -22.80 16.03
C SER G 19 25.42 -22.57 17.53
N ARG G 20 25.93 -21.45 18.04
CA ARG G 20 25.75 -21.13 19.45
C ARG G 20 24.28 -20.92 19.80
N ALA G 21 23.49 -20.44 18.85
CA ALA G 21 22.07 -20.20 19.06
C ALA G 21 21.20 -21.36 18.57
N GLY G 22 21.80 -22.41 18.02
CA GLY G 22 21.02 -23.53 17.52
C GLY G 22 20.18 -23.22 16.31
N LEU G 23 20.70 -22.39 15.40
CA LEU G 23 20.00 -22.04 14.17
C LEU G 23 20.84 -22.43 12.97
N GLN G 24 20.22 -22.36 11.79
CA GLN G 24 20.93 -22.61 10.54
C GLN G 24 21.19 -21.34 9.73
N PHE G 25 20.39 -20.30 9.90
CA PHE G 25 20.65 -19.04 9.22
C PHE G 25 21.82 -18.32 9.89
N PRO G 26 22.58 -17.53 9.12
CA PRO G 26 23.80 -16.92 9.68
C PRO G 26 23.49 -15.71 10.55
N VAL G 27 23.77 -15.83 11.85
CA VAL G 27 23.60 -14.71 12.76
C VAL G 27 24.56 -13.58 12.40
N GLY G 28 25.80 -13.92 12.06
CA GLY G 28 26.77 -12.89 11.75
C GLY G 28 26.42 -12.10 10.50
N ARG G 29 25.96 -12.79 9.45
CA ARG G 29 25.57 -12.08 8.23
C ARG G 29 24.37 -11.19 8.47
N VAL G 30 23.40 -11.65 9.26
CA VAL G 30 22.23 -10.83 9.56
C VAL G 30 22.63 -9.62 10.40
N HIS G 31 23.57 -9.80 11.33
CA HIS G 31 24.09 -8.66 12.09
C HIS G 31 24.77 -7.65 11.17
N ARG G 32 25.57 -8.14 10.22
CA ARG G 32 26.25 -7.24 9.28
C ARG G 32 25.24 -6.48 8.43
N LEU G 33 24.21 -7.18 7.94
CA LEU G 33 23.21 -6.52 7.11
C LEU G 33 22.39 -5.52 7.92
N LEU G 34 22.16 -5.81 9.20
CA LEU G 34 21.50 -4.83 10.06
C LEU G 34 22.36 -3.60 10.26
N ARG G 35 23.68 -3.77 10.38
CA ARG G 35 24.57 -2.62 10.50
C ARG G 35 24.58 -1.79 9.23
N LYS G 36 24.77 -2.44 8.08
CA LYS G 36 24.93 -1.72 6.82
C LYS G 36 23.63 -1.08 6.32
N GLY G 37 22.47 -1.57 6.78
CA GLY G 37 21.20 -1.16 6.23
C GLY G 37 20.74 0.23 6.62
N ASN G 38 21.49 0.94 7.46
CA ASN G 38 21.12 2.27 7.96
C ASN G 38 19.81 2.25 8.72
N TYR G 39 19.50 1.12 9.36
CA TYR G 39 18.26 1.00 10.12
C TYR G 39 18.34 1.82 11.40
N ALA G 40 19.44 1.71 12.14
CA ALA G 40 19.61 2.47 13.36
C ALA G 40 21.10 2.71 13.60
N GLU G 41 21.39 3.64 14.52
CA GLU G 41 22.78 3.94 14.84
C GLU G 41 23.48 2.76 15.49
N ARG G 42 22.78 2.03 16.36
CA ARG G 42 23.33 0.89 17.06
C ARG G 42 22.39 -0.29 16.91
N VAL G 43 22.95 -1.50 17.03
CA VAL G 43 22.20 -2.73 16.91
C VAL G 43 22.56 -3.63 18.08
N GLY G 44 21.54 -4.18 18.74
CA GLY G 44 21.78 -5.05 19.87
C GLY G 44 22.35 -6.39 19.44
N ALA G 45 22.91 -7.10 20.43
CA ALA G 45 23.53 -8.39 20.13
C ALA G 45 22.50 -9.45 19.83
N GLY G 46 21.34 -9.42 20.51
CA GLY G 46 20.33 -10.43 20.31
C GLY G 46 19.39 -10.19 19.15
N ALA G 47 19.42 -9.00 18.56
CA ALA G 47 18.55 -8.72 17.42
C ALA G 47 18.88 -9.58 16.19
N PRO G 48 20.15 -9.74 15.77
CA PRO G 48 20.41 -10.68 14.66
C PRO G 48 20.02 -12.11 14.98
N VAL G 49 20.18 -12.55 16.23
CA VAL G 49 19.78 -13.89 16.61
C VAL G 49 18.27 -14.06 16.47
N TYR G 50 17.52 -13.09 16.98
CA TYR G 50 16.06 -13.16 16.91
C TYR G 50 15.58 -13.14 15.47
N LEU G 51 16.16 -12.26 14.65
CA LEU G 51 15.73 -12.13 13.26
C LEU G 51 16.11 -13.36 12.45
N ALA G 52 17.29 -13.94 12.70
CA ALA G 52 17.67 -15.17 12.03
C ALA G 52 16.75 -16.31 12.40
N ALA G 53 16.34 -16.39 13.68
CA ALA G 53 15.39 -17.42 14.10
C ALA G 53 14.05 -17.25 13.39
N VAL G 54 13.57 -16.00 13.28
CA VAL G 54 12.30 -15.74 12.61
C VAL G 54 12.38 -16.14 11.14
N LEU G 55 13.49 -15.76 10.48
CA LEU G 55 13.67 -16.09 9.08
C LEU G 55 13.74 -17.60 8.87
N GLU G 56 14.44 -18.31 9.77
CA GLU G 56 14.53 -19.76 9.67
C GLU G 56 13.18 -20.41 9.83
N TYR G 57 12.38 -19.95 10.78
CA TYR G 57 11.04 -20.52 10.98
C TYR G 57 10.16 -20.31 9.76
N LEU G 58 10.16 -19.09 9.22
CA LEU G 58 9.32 -18.79 8.05
C LEU G 58 9.78 -19.60 6.85
N THR G 59 11.09 -19.71 6.64
CA THR G 59 11.62 -20.51 5.54
C THR G 59 11.23 -21.97 5.69
N ALA G 60 11.31 -22.50 6.91
CA ALA G 60 10.94 -23.88 7.15
C ALA G 60 9.47 -24.12 6.86
N GLU G 61 8.61 -23.16 7.23
CA GLU G 61 7.19 -23.31 6.96
C GLU G 61 6.91 -23.33 5.45
N ILE G 62 7.50 -22.38 4.72
CA ILE G 62 7.35 -22.33 3.27
C ILE G 62 7.83 -23.64 2.65
N LEU G 63 9.00 -24.11 3.07
CA LEU G 63 9.59 -25.28 2.45
C LEU G 63 8.81 -26.54 2.78
N GLU G 64 8.26 -26.64 3.99
CA GLU G 64 7.44 -27.80 4.35
C GLU G 64 6.18 -27.86 3.49
N LEU G 65 5.47 -26.74 3.37
CA LEU G 65 4.26 -26.75 2.57
C LEU G 65 4.56 -26.98 1.10
N ALA G 66 5.67 -26.42 0.60
CA ALA G 66 6.06 -26.64 -0.78
C ALA G 66 6.44 -28.09 -1.04
N GLY G 67 7.13 -28.73 -0.09
CA GLY G 67 7.46 -30.13 -0.25
C GLY G 67 6.23 -31.01 -0.22
N ASN G 68 5.24 -30.65 0.61
CA ASN G 68 3.97 -31.36 0.58
C ASN G 68 3.29 -31.23 -0.78
N ALA G 69 3.29 -30.02 -1.34
CA ALA G 69 2.70 -29.83 -2.67
C ALA G 69 3.45 -30.63 -3.73
N ALA G 70 4.79 -30.66 -3.65
CA ALA G 70 5.58 -31.42 -4.60
C ALA G 70 5.29 -32.90 -4.51
N ARG G 71 5.15 -33.42 -3.28
CA ARG G 71 4.79 -34.83 -3.11
C ARG G 71 3.40 -35.11 -3.66
N ASP G 72 2.44 -34.21 -3.41
CA ASP G 72 1.09 -34.39 -3.96
C ASP G 72 1.08 -34.31 -5.48
N ASN G 73 2.08 -33.68 -6.08
CA ASN G 73 2.22 -33.66 -7.53
C ASN G 73 3.14 -34.77 -8.03
N LYS G 74 3.51 -35.71 -7.16
CA LYS G 74 4.35 -36.85 -7.50
C LYS G 74 5.70 -36.41 -8.08
N LYS G 75 6.28 -35.38 -7.49
CA LYS G 75 7.60 -34.89 -7.87
C LYS G 75 8.49 -34.83 -6.63
N THR G 76 9.79 -35.06 -6.85
CA THR G 76 10.78 -35.02 -5.78
C THR G 76 11.65 -33.78 -5.83
N ARG G 77 11.15 -32.71 -6.46
CA ARG G 77 11.88 -31.46 -6.56
C ARG G 77 10.87 -30.32 -6.52
N ILE G 78 11.24 -29.24 -5.87
CA ILE G 78 10.34 -28.11 -5.66
C ILE G 78 10.53 -27.11 -6.78
N ILE G 79 9.43 -26.73 -7.43
CA ILE G 79 9.44 -25.77 -8.53
C ILE G 79 8.62 -24.57 -8.07
N PRO G 80 8.67 -23.43 -8.76
CA PRO G 80 7.86 -22.28 -8.33
C PRO G 80 6.37 -22.55 -8.26
N ARG G 81 5.86 -23.51 -9.05
CA ARG G 81 4.45 -23.87 -8.95
C ARG G 81 4.12 -24.42 -7.57
N HIS G 82 5.01 -25.24 -7.02
CA HIS G 82 4.79 -25.78 -5.68
C HIS G 82 4.83 -24.69 -4.62
N LEU G 83 5.74 -23.72 -4.77
CA LEU G 83 5.78 -22.61 -3.84
C LEU G 83 4.49 -21.79 -3.91
N GLN G 84 4.00 -21.52 -5.12
CA GLN G 84 2.76 -20.77 -5.26
C GLN G 84 1.58 -21.52 -4.66
N LEU G 85 1.50 -22.83 -4.89
CA LEU G 85 0.44 -23.63 -4.32
C LEU G 85 0.50 -23.60 -2.79
N ALA G 86 1.72 -23.72 -2.24
CA ALA G 86 1.89 -23.68 -0.79
C ALA G 86 1.46 -22.35 -0.20
N ILE G 87 1.84 -21.25 -0.86
CA ILE G 87 1.50 -19.93 -0.33
C ILE G 87 0.00 -19.68 -0.42
N ARG G 88 -0.61 -20.00 -1.56
CA ARG G 88 -2.01 -19.67 -1.76
C ARG G 88 -2.95 -20.61 -1.01
N ASN G 89 -2.51 -21.83 -0.71
CA ASN G 89 -3.37 -22.78 -0.03
C ASN G 89 -3.35 -22.63 1.48
N ASP G 90 -2.49 -21.78 2.03
CA ASP G 90 -2.45 -21.55 3.47
C ASP G 90 -3.10 -20.21 3.78
N GLU G 91 -3.93 -20.18 4.83
CA GLU G 91 -4.71 -18.99 5.13
C GLU G 91 -3.83 -17.83 5.56
N GLU G 92 -2.77 -18.10 6.32
CA GLU G 92 -1.94 -17.02 6.86
C GLU G 92 -0.76 -16.67 5.96
N LEU G 93 -0.18 -17.65 5.27
CA LEU G 93 0.90 -17.33 4.34
C LEU G 93 0.38 -16.52 3.16
N ASN G 94 -0.83 -16.82 2.69
CA ASN G 94 -1.44 -16.00 1.66
C ASN G 94 -1.67 -14.57 2.15
N LYS G 95 -2.04 -14.42 3.42
CA LYS G 95 -2.20 -13.09 4.01
C LYS G 95 -0.86 -12.36 4.06
N LEU G 96 0.21 -13.06 4.41
CA LEU G 96 1.51 -12.41 4.53
C LEU G 96 2.05 -11.97 3.18
N LEU G 97 1.77 -12.72 2.12
CA LEU G 97 2.28 -12.45 0.79
C LEU G 97 1.14 -12.09 -0.17
N GLY G 98 0.21 -11.24 0.30
CA GLY G 98 -0.92 -10.88 -0.53
C GLY G 98 -0.54 -10.05 -1.74
N LYS G 99 0.45 -9.17 -1.58
CA LYS G 99 0.89 -8.27 -2.65
C LYS G 99 2.16 -8.78 -3.33
N VAL G 100 2.32 -10.09 -3.45
CA VAL G 100 3.55 -10.70 -3.96
C VAL G 100 3.19 -11.58 -5.14
N THR G 101 3.93 -11.42 -6.24
CA THR G 101 3.77 -12.22 -7.44
C THR G 101 4.94 -13.20 -7.56
N ILE G 102 4.62 -14.47 -7.72
CA ILE G 102 5.63 -15.52 -7.91
C ILE G 102 5.80 -15.75 -9.39
N ALA G 103 7.02 -15.52 -9.89
CA ALA G 103 7.29 -15.72 -11.31
C ALA G 103 7.26 -17.20 -11.65
N GLN G 104 6.55 -17.55 -12.72
CA GLN G 104 6.31 -18.95 -13.10
C GLN G 104 5.71 -19.74 -11.95
N GLY G 105 4.84 -19.09 -11.18
CA GLY G 105 4.15 -19.75 -10.10
C GLY G 105 2.74 -20.15 -10.48
N GLY G 106 2.20 -19.54 -11.53
CA GLY G 106 0.85 -19.85 -11.95
C GLY G 106 -0.18 -19.25 -11.01
N VAL G 107 -1.35 -19.87 -10.99
CA VAL G 107 -2.48 -19.40 -10.19
C VAL G 107 -3.21 -20.61 -9.61
N LEU G 108 -3.94 -20.37 -8.53
CA LEU G 108 -4.66 -21.45 -7.84
C LEU G 108 -5.86 -21.89 -8.66
N PRO G 109 -5.98 -23.18 -8.98
CA PRO G 109 -7.11 -23.64 -9.80
C PRO G 109 -8.46 -23.55 -9.10
N ASN G 110 -9.33 -22.66 -9.56
CA ASN G 110 -10.69 -22.59 -9.06
C ASN G 110 -11.63 -22.11 -10.17
N ILE G 111 -12.90 -22.47 -10.04
CA ILE G 111 -13.92 -22.14 -11.02
C ILE G 111 -15.18 -21.74 -10.27
N GLN G 112 -15.81 -20.64 -10.67
CA GLN G 112 -17.05 -20.21 -10.06
C GLN G 112 -18.13 -21.26 -10.30
N ALA G 113 -18.90 -21.56 -9.25
CA ALA G 113 -19.87 -22.64 -9.31
C ALA G 113 -21.00 -22.35 -10.29
N VAL G 114 -21.30 -21.08 -10.53
CA VAL G 114 -22.38 -20.73 -11.45
C VAL G 114 -22.01 -21.07 -12.90
N LEU G 115 -20.72 -20.99 -13.25
CA LEU G 115 -20.30 -21.30 -14.60
C LEU G 115 -20.33 -22.80 -14.90
N LEU G 116 -20.31 -23.63 -13.86
CA LEU G 116 -20.41 -25.07 -14.07
C LEU G 116 -21.79 -25.44 -14.60
N PRO G 117 -21.90 -26.45 -15.46
CA PRO G 117 -23.17 -26.77 -16.10
C PRO G 117 -24.17 -27.43 -15.15
N GLU H 35 26.46 -13.17 -2.64
CA GLU H 35 25.86 -13.40 -1.33
C GLU H 35 24.38 -13.73 -1.46
N SER H 36 23.99 -14.89 -0.95
CA SER H 36 22.61 -15.33 -0.97
C SER H 36 22.36 -16.23 0.23
N TYR H 37 21.11 -16.69 0.35
CA TYR H 37 20.72 -17.62 1.40
C TYR H 37 20.52 -19.03 0.87
N SER H 38 21.18 -19.38 -0.25
CA SER H 38 20.93 -20.66 -0.91
C SER H 38 21.31 -21.83 -0.01
N VAL H 39 22.49 -21.77 0.61
CA VAL H 39 22.95 -22.88 1.43
C VAL H 39 22.08 -23.04 2.66
N TYR H 40 21.59 -21.93 3.22
CA TYR H 40 20.77 -22.00 4.42
C TYR H 40 19.37 -22.53 4.10
N VAL H 41 18.80 -22.10 2.98
CA VAL H 41 17.50 -22.63 2.56
C VAL H 41 17.61 -24.12 2.27
N TYR H 42 18.72 -24.54 1.66
CA TYR H 42 18.90 -25.96 1.37
C TYR H 42 19.11 -26.77 2.64
N LYS H 43 19.85 -26.22 3.61
CA LYS H 43 20.03 -26.91 4.89
C LYS H 43 18.71 -27.05 5.63
N VAL H 44 17.86 -26.03 5.58
CA VAL H 44 16.54 -26.12 6.21
C VAL H 44 15.68 -27.15 5.46
N LEU H 45 15.80 -27.19 4.14
CA LEU H 45 15.01 -28.15 3.37
C LEU H 45 15.39 -29.58 3.71
N LYS H 46 16.68 -29.86 3.90
CA LYS H 46 17.06 -31.19 4.35
C LYS H 46 16.65 -31.47 5.79
N GLN H 47 16.43 -30.43 6.60
CA GLN H 47 15.89 -30.66 7.94
C GLN H 47 14.41 -31.02 7.90
N VAL H 48 13.66 -30.44 6.98
CA VAL H 48 12.21 -30.64 6.93
C VAL H 48 11.82 -31.71 5.93
N HIS H 49 12.49 -31.79 4.79
CA HIS H 49 12.24 -32.82 3.77
C HIS H 49 13.57 -33.43 3.37
N PRO H 50 14.01 -34.47 4.07
CA PRO H 50 15.35 -35.02 3.82
C PRO H 50 15.53 -35.63 2.45
N ASP H 51 14.45 -35.96 1.73
CA ASP H 51 14.55 -36.71 0.48
C ASP H 51 14.00 -35.94 -0.71
N THR H 52 13.93 -34.61 -0.64
CA THR H 52 13.51 -33.79 -1.77
C THR H 52 14.52 -32.68 -2.01
N GLY H 53 14.59 -32.23 -3.26
CA GLY H 53 15.44 -31.13 -3.65
C GLY H 53 14.65 -29.90 -4.06
N ILE H 54 15.38 -28.89 -4.51
CA ILE H 54 14.80 -27.61 -4.90
C ILE H 54 15.43 -27.16 -6.22
N SER H 55 14.61 -26.59 -7.09
CA SER H 55 15.11 -26.07 -8.36
C SER H 55 15.84 -24.74 -8.15
N SER H 56 16.55 -24.32 -9.18
CA SER H 56 17.29 -23.06 -9.10
C SER H 56 16.35 -21.86 -9.05
N LYS H 57 15.26 -21.90 -9.82
CA LYS H 57 14.32 -20.79 -9.83
C LYS H 57 13.55 -20.71 -8.52
N ALA H 58 13.19 -21.86 -7.96
CA ALA H 58 12.58 -21.86 -6.63
C ALA H 58 13.57 -21.39 -5.57
N MET H 59 14.86 -21.68 -5.77
CA MET H 59 15.88 -21.17 -4.85
C MET H 59 15.97 -19.65 -4.92
N GLY H 60 15.92 -19.09 -6.13
CA GLY H 60 15.91 -17.65 -6.27
C GLY H 60 14.67 -17.00 -5.68
N ILE H 61 13.52 -17.65 -5.83
CA ILE H 61 12.29 -17.14 -5.22
C ILE H 61 12.39 -17.18 -3.70
N MET H 62 13.00 -18.24 -3.16
CA MET H 62 13.21 -18.31 -1.71
C MET H 62 14.16 -17.22 -1.22
N ASN H 63 15.21 -16.93 -2.00
CA ASN H 63 16.11 -15.84 -1.64
C ASN H 63 15.38 -14.50 -1.66
N SER H 64 14.52 -14.28 -2.65
CA SER H 64 13.74 -13.06 -2.72
C SER H 64 12.79 -12.96 -1.53
N PHE H 65 12.18 -14.08 -1.14
CA PHE H 65 11.29 -14.09 0.02
C PHE H 65 12.04 -13.74 1.29
N VAL H 66 13.22 -14.31 1.48
CA VAL H 66 14.01 -14.04 2.68
C VAL H 66 14.43 -12.58 2.71
N ASN H 67 14.87 -12.03 1.57
CA ASN H 67 15.25 -10.62 1.51
C ASN H 67 14.07 -9.71 1.81
N ASP H 68 12.89 -10.03 1.25
CA ASP H 68 11.71 -9.20 1.45
C ASP H 68 11.31 -9.20 2.92
N ILE H 69 11.26 -10.37 3.55
CA ILE H 69 10.85 -10.45 4.95
C ILE H 69 11.89 -9.78 5.85
N PHE H 70 13.18 -9.97 5.54
CA PHE H 70 14.23 -9.32 6.31
C PHE H 70 14.08 -7.80 6.26
N GLU H 71 13.87 -7.25 5.06
CA GLU H 71 13.78 -5.81 4.94
C GLU H 71 12.50 -5.28 5.58
N ARG H 72 11.41 -6.05 5.54
CA ARG H 72 10.17 -5.62 6.17
C ARG H 72 10.34 -5.54 7.69
N ILE H 73 10.88 -6.61 8.29
CA ILE H 73 11.04 -6.64 9.74
C ILE H 73 12.06 -5.59 10.19
N ALA H 74 13.17 -5.46 9.47
CA ALA H 74 14.18 -4.49 9.84
C ALA H 74 13.68 -3.06 9.70
N GLY H 75 12.89 -2.76 8.67
CA GLY H 75 12.33 -1.44 8.55
C GLY H 75 11.34 -1.12 9.65
N GLU H 76 10.48 -2.09 9.99
CA GLU H 76 9.55 -1.84 11.08
C GLU H 76 10.27 -1.69 12.41
N ALA H 77 11.34 -2.45 12.63
CA ALA H 77 12.13 -2.30 13.85
C ALA H 77 12.79 -0.93 13.92
N SER H 78 13.29 -0.44 12.77
CA SER H 78 13.88 0.90 12.74
C SER H 78 12.85 1.97 13.06
N ARG H 79 11.64 1.84 12.52
CA ARG H 79 10.59 2.80 12.85
C ARG H 79 10.17 2.70 14.31
N LEU H 80 10.14 1.49 14.88
CA LEU H 80 9.87 1.33 16.29
C LEU H 80 10.92 2.01 17.15
N ALA H 81 12.19 1.88 16.76
CA ALA H 81 13.26 2.55 17.51
C ALA H 81 13.15 4.06 17.39
N HIS H 82 12.84 4.57 16.19
CA HIS H 82 12.70 6.01 16.00
C HIS H 82 11.54 6.58 16.80
N TYR H 83 10.40 5.87 16.82
CA TYR H 83 9.20 6.38 17.47
C TYR H 83 9.39 6.59 18.96
N ASN H 84 10.20 5.75 19.61
CA ASN H 84 10.39 5.81 21.04
C ASN H 84 11.69 6.51 21.44
N LYS H 85 12.30 7.24 20.50
CA LYS H 85 13.52 8.02 20.72
C LYS H 85 14.72 7.15 21.09
N ARG H 86 14.64 5.85 20.84
CA ARG H 86 15.78 4.98 21.06
C ARG H 86 16.68 4.98 19.82
N SER H 87 17.93 4.57 20.02
CA SER H 87 18.90 4.51 18.95
C SER H 87 19.46 3.11 18.72
N THR H 88 18.96 2.11 19.43
CA THR H 88 19.43 0.75 19.31
C THR H 88 18.27 -0.17 18.95
N ILE H 89 18.51 -1.06 17.99
CA ILE H 89 17.54 -2.10 17.65
C ILE H 89 17.90 -3.34 18.47
N THR H 90 16.98 -3.75 19.34
CA THR H 90 17.17 -4.90 20.22
C THR H 90 16.21 -6.02 19.83
N SER H 91 16.24 -7.09 20.61
CA SER H 91 15.31 -8.18 20.39
C SER H 91 13.86 -7.77 20.67
N ARG H 92 13.65 -6.76 21.52
CA ARG H 92 12.31 -6.27 21.78
C ARG H 92 11.71 -5.59 20.56
N GLU H 93 12.53 -4.83 19.82
CA GLU H 93 12.06 -4.19 18.60
C GLU H 93 11.74 -5.22 17.52
N ILE H 94 12.57 -6.26 17.42
CA ILE H 94 12.31 -7.32 16.45
C ILE H 94 11.05 -8.08 16.83
N GLN H 95 10.85 -8.32 18.12
CA GLN H 95 9.64 -9.00 18.58
C GLN H 95 8.39 -8.19 18.26
N THR H 96 8.42 -6.88 18.52
CA THR H 96 7.27 -6.05 18.21
C THR H 96 7.03 -5.96 16.71
N ALA H 97 8.11 -5.88 15.92
CA ALA H 97 7.96 -5.86 14.47
C ALA H 97 7.36 -7.17 13.95
N VAL H 98 7.76 -8.30 14.54
CA VAL H 98 7.18 -9.59 14.15
C VAL H 98 5.71 -9.63 14.51
N ARG H 99 5.34 -9.14 15.69
CA ARG H 99 3.93 -9.09 16.05
C ARG H 99 3.13 -8.18 15.13
N LEU H 100 3.77 -7.13 14.59
CA LEU H 100 3.08 -6.20 13.73
C LEU H 100 2.93 -6.71 12.30
N LEU H 101 3.96 -7.36 11.77
CA LEU H 101 3.97 -7.75 10.36
C LEU H 101 3.26 -9.08 10.11
N LEU H 102 3.63 -10.11 10.85
CA LEU H 102 3.11 -11.43 10.56
C LEU H 102 1.66 -11.56 11.03
N PRO H 103 0.86 -12.37 10.34
CA PRO H 103 -0.52 -12.60 10.79
C PRO H 103 -0.54 -13.35 12.12
N GLY H 104 -1.73 -13.48 12.71
CA GLY H 104 -1.86 -13.92 14.09
C GLY H 104 -1.12 -15.19 14.49
N GLU H 105 -1.63 -16.35 14.05
CA GLU H 105 -1.05 -17.61 14.50
C GLU H 105 0.39 -17.77 14.00
N LEU H 106 0.65 -17.34 12.77
CA LEU H 106 2.01 -17.41 12.23
C LEU H 106 2.97 -16.54 13.02
N ALA H 107 2.47 -15.48 13.67
CA ALA H 107 3.34 -14.70 14.54
C ALA H 107 3.59 -15.43 15.85
N LYS H 108 2.59 -16.16 16.36
CA LYS H 108 2.70 -16.74 17.69
C LYS H 108 3.83 -17.75 17.78
N HIS H 109 3.97 -18.58 16.75
CA HIS H 109 5.10 -19.49 16.72
C HIS H 109 6.41 -18.74 16.51
N ALA H 110 6.41 -17.71 15.66
CA ALA H 110 7.67 -17.06 15.29
C ALA H 110 8.33 -16.42 16.50
N VAL H 111 7.55 -15.68 17.30
CA VAL H 111 8.07 -15.14 18.55
C VAL H 111 8.55 -16.27 19.44
N SER H 112 7.78 -17.35 19.50
CA SER H 112 8.16 -18.50 20.30
C SER H 112 9.50 -19.07 19.83
N GLU H 113 9.75 -19.01 18.52
CA GLU H 113 11.08 -19.39 18.04
C GLU H 113 12.12 -18.38 18.48
N GLY H 114 11.85 -17.08 18.26
CA GLY H 114 12.90 -16.10 18.36
C GLY H 114 13.48 -15.98 19.75
N THR H 115 12.61 -15.85 20.76
CA THR H 115 13.06 -15.80 22.14
C THR H 115 13.85 -17.05 22.49
N LYS H 116 13.40 -18.20 22.00
CA LYS H 116 14.10 -19.44 22.28
C LYS H 116 15.53 -19.36 21.81
N ALA H 117 15.75 -18.84 20.59
CA ALA H 117 17.11 -18.71 20.11
C ALA H 117 17.91 -17.79 21.01
N VAL H 118 17.32 -16.65 21.40
CA VAL H 118 17.99 -15.75 22.32
C VAL H 118 18.27 -16.47 23.63
N THR H 119 17.30 -17.25 24.10
CA THR H 119 17.48 -18.00 25.33
C THR H 119 18.66 -18.96 25.21
N LYS H 120 18.81 -19.59 24.04
CA LYS H 120 19.96 -20.45 23.84
C LYS H 120 21.22 -19.62 23.64
N TYR H 121 21.11 -18.48 22.96
CA TYR H 121 22.31 -17.70 22.63
C TYR H 121 22.92 -17.07 23.87
N THR H 122 22.07 -16.55 24.76
CA THR H 122 22.56 -15.88 25.97
C THR H 122 23.24 -16.86 26.91
N SER H 123 22.70 -18.07 27.05
CA SER H 123 23.26 -19.04 27.99
C SER H 123 24.67 -19.46 27.61
N SER H 124 24.93 -19.66 26.33
CA SER H 124 26.25 -20.07 25.87
C SER H 124 26.99 -18.90 25.23
#